data_8YJU
#
_entry.id   8YJU
#
_cell.length_a   1.00
_cell.length_b   1.00
_cell.length_c   1.00
_cell.angle_alpha   90.00
_cell.angle_beta   90.00
_cell.angle_gamma   90.00
#
_symmetry.space_group_name_H-M   'P 1'
#
loop_
_entity.id
_entity.type
_entity.pdbx_description
1 polymer 'Proliferating cell nuclear antigen'
2 polymer 'Flap endonuclease 1'
3 polymer 'upstream DNA'
4 polymer 'parent strand DNA'
5 polymer 'downstream DNA'
6 polymer '5 prime flap DNA'
#
loop_
_entity_poly.entity_id
_entity_poly.type
_entity_poly.pdbx_seq_one_letter_code
_entity_poly.pdbx_strand_id
1 'polypeptide(L)'
;MFEARLVQGSILKKVLEALKDLINEACWDISSSGVNLQSMDSSHVSLVQLTLRSEGFDTYRCDRNLAMGVNLTSMSKILK
CAGNEDIITLRAEDNADTLALVFEAPNQEKVSDYEMKLMDLDVEQLGIPEQEYSCVVKMPSGEFARICRDLSHIGDAVVI
SCAKDGVKFSASGELGNGNIKLSQTSNVDKEEEAVTIEMNEPVQLTFALRYLNFFTKATPLSSTVTLSMSADVPLVVEYK
IADMGHLKYYLAPKIEDEEGS
;
B,A,C
2 'polypeptide(L)'
;MGIQGLAKLIADVAPSAIRENDIKSYFGRKVAIDASMSIYQFLIAVRQGGDVLQNEEGETTSHLMGMFYRTIRMMENGIK
PVYVFDGKPPQLKSGELAKRSERRAEAEKQLQQAQAAGAEQEVEKFTKRLVKVTKQHNDECKHLLSLMGIPYLDAPSEAE
ASCAALVKAGKVYAAATEDMDCLTFGSPVLMRHLTASEAKKLPIQEFHLSRILQELGLNQEQFVDLCILLGSDYCESIRG
IGPKRAVDLIQKHKSIEEIVRRLDPNKYPVPENWLHKEAHQLFLEPEVLDPESVELKWSEPNEEELIKFMCGEKQFSEER
IRSGVKRLSKSRQGSTQGRLDDFFKVTGSLSSAKRKEPEPKGSTKKKAKTGAAGKFKRGK
;
D
3 'polydeoxyribonucleotide' (DT)(DT)(DT)(DT)(DT)(DT)(DT)(DT)(DT)(DT)(DA)(DA)(DA)(DA)(DA)(DA)(DT)(DT)(DT)(DT) J
4 'polydeoxyribonucleotide'
;(DA)(DA)(DA)(DA)(DA)(DA)(DT)(DT)(DT)(DT)(DA)(DA)(DA)(DA)(DA)(DT)(DT)(DT)(DT)(DT)
(DT)(DA)(DA)(DA)(DA)(DA)(DA)(DA)(DA)(DA)(DA)
;
E
5 'polydeoxyribonucleotide' (DT)(DA)(DA)(DA)(DA)(DT)(DT)(DT)(DT)(DT)(DT) F
6 'polydeoxyribonucleotide' (DT)(DT)(DT) H
#
loop_
_chem_comp.id
_chem_comp.type
_chem_comp.name
_chem_comp.formula
DA DNA linking 2'-DEOXYADENOSINE-5'-MONOPHOSPHATE 'C10 H14 N5 O6 P'
DT DNA linking THYMIDINE-5'-MONOPHOSPHATE 'C10 H15 N2 O8 P'
#
# COMPACT_ATOMS: atom_id res chain seq x y z
N MET A 1 12.80 16.31 47.36
CA MET A 1 14.06 15.73 47.84
C MET A 1 15.01 15.41 46.68
N PHE A 2 14.45 15.10 45.52
CA PHE A 2 15.24 14.87 44.31
C PHE A 2 15.03 16.04 43.36
N GLU A 3 16.12 16.54 42.79
CA GLU A 3 16.11 17.70 41.92
C GLU A 3 17.14 17.49 40.82
N ALA A 4 16.72 17.58 39.56
CA ALA A 4 17.62 17.41 38.43
C ALA A 4 17.19 18.39 37.33
N ARG A 5 17.82 19.56 37.32
CA ARG A 5 17.57 20.54 36.28
C ARG A 5 18.58 20.38 35.16
N LEU A 6 18.09 20.25 33.93
CA LEU A 6 18.92 20.06 32.76
C LEU A 6 18.54 21.11 31.73
N VAL A 7 19.54 21.82 31.20
CA VAL A 7 19.25 22.90 30.26
C VAL A 7 19.00 22.34 28.84
N GLN A 8 19.55 21.18 28.51
CA GLN A 8 19.40 20.57 27.19
C GLN A 8 18.43 19.41 27.31
N GLY A 9 17.14 19.71 27.29
CA GLY A 9 16.11 18.70 27.46
C GLY A 9 15.89 17.80 26.26
N SER A 10 16.45 18.17 25.11
CA SER A 10 16.44 17.34 23.93
C SER A 10 17.23 16.05 24.13
N ILE A 11 18.22 16.05 25.03
CA ILE A 11 18.97 14.83 25.38
C ILE A 11 18.05 13.81 26.05
N LEU A 12 17.23 14.25 27.01
CA LEU A 12 16.28 13.34 27.65
C LEU A 12 15.15 12.93 26.72
N LYS A 13 14.74 13.83 25.80
CA LYS A 13 13.77 13.47 24.76
C LYS A 13 14.32 12.39 23.84
N LYS A 14 15.59 12.50 23.45
CA LYS A 14 16.23 11.50 22.60
C LYS A 14 16.45 10.18 23.34
N VAL A 15 16.77 10.23 24.63
CA VAL A 15 16.95 9.03 25.44
C VAL A 15 15.64 8.25 25.57
N LEU A 16 14.54 8.94 25.86
CA LEU A 16 13.27 8.22 25.97
C LEU A 16 12.71 7.83 24.60
N GLU A 17 13.06 8.56 23.54
CA GLU A 17 12.72 8.12 22.19
C GLU A 17 13.53 6.89 21.79
N ALA A 18 14.75 6.76 22.32
CA ALA A 18 15.56 5.57 22.09
C ALA A 18 15.02 4.38 22.85
N LEU A 19 14.64 4.58 24.11
CA LEU A 19 14.28 3.48 24.98
C LEU A 19 12.79 3.22 25.06
N LYS A 20 11.97 3.92 24.27
CA LYS A 20 10.53 3.70 24.31
C LYS A 20 10.10 2.42 23.61
N ASP A 21 10.91 1.89 22.70
CA ASP A 21 10.45 0.80 21.85
C ASP A 21 10.72 -0.59 22.42
N LEU A 22 11.85 -0.78 23.10
CA LEU A 22 12.21 -2.10 23.60
C LEU A 22 12.04 -2.24 25.11
N ILE A 23 11.90 -1.13 25.84
CA ILE A 23 11.67 -1.15 27.28
C ILE A 23 10.21 -0.78 27.54
N ASN A 24 9.48 -1.68 28.17
CA ASN A 24 8.16 -1.32 28.67
C ASN A 24 8.22 -0.75 30.08
N GLU A 25 8.97 -1.40 30.98
CA GLU A 25 9.16 -0.94 32.36
C GLU A 25 10.64 -0.99 32.69
N ALA A 26 11.10 -0.02 33.47
CA ALA A 26 12.48 -0.01 33.95
C ALA A 26 12.55 0.71 35.29
N CYS A 27 13.61 0.42 36.03
CA CYS A 27 13.90 1.10 37.28
C CYS A 27 14.92 2.19 37.02
N TRP A 28 14.56 3.42 37.38
CA TRP A 28 15.42 4.59 37.17
C TRP A 28 16.28 4.69 38.43
N ASP A 29 17.45 4.03 38.38
CA ASP A 29 18.34 3.99 39.55
C ASP A 29 19.05 5.33 39.66
N ILE A 30 18.52 6.20 40.50
CA ILE A 30 19.06 7.55 40.67
C ILE A 30 19.86 7.56 41.98
N SER A 31 21.16 7.79 41.85
CA SER A 31 22.06 7.90 43.00
C SER A 31 22.58 9.33 43.09
N SER A 32 23.44 9.57 44.08
CA SER A 32 24.04 10.89 44.23
C SER A 32 25.14 11.14 43.20
N SER A 33 25.74 10.08 42.65
CA SER A 33 26.82 10.20 41.69
C SER A 33 26.32 10.33 40.26
N GLY A 34 25.02 10.28 40.03
CA GLY A 34 24.46 10.42 38.71
C GLY A 34 23.19 9.62 38.58
N VAL A 35 22.76 9.45 37.33
CA VAL A 35 21.53 8.74 37.00
C VAL A 35 21.89 7.49 36.23
N ASN A 36 21.49 6.34 36.76
CA ASN A 36 21.69 5.06 36.10
C ASN A 36 20.35 4.46 35.72
N LEU A 37 20.39 3.47 34.82
CA LEU A 37 19.17 2.79 34.38
C LEU A 37 19.53 1.34 34.08
N GLN A 38 19.21 0.46 35.02
CA GLN A 38 19.46 -0.98 34.88
C GLN A 38 18.22 -1.61 34.27
N SER A 39 18.26 -1.92 32.98
CA SER A 39 17.06 -2.44 32.32
C SER A 39 17.42 -3.55 31.35
N MET A 40 16.74 -4.68 31.48
CA MET A 40 16.79 -5.76 30.52
C MET A 40 15.42 -5.75 29.84
N ASP A 41 15.37 -6.01 28.53
CA ASP A 41 14.23 -5.62 27.72
C ASP A 41 13.01 -6.54 27.93
N SER A 42 11.96 -6.30 27.14
CA SER A 42 10.68 -6.97 27.35
C SER A 42 10.73 -8.42 26.88
N SER A 43 11.47 -8.68 25.81
CA SER A 43 11.61 -10.03 25.28
C SER A 43 12.76 -10.80 25.94
N HIS A 44 13.49 -10.15 26.86
CA HIS A 44 14.62 -10.69 27.62
C HIS A 44 15.74 -11.19 26.70
N VAL A 45 16.23 -10.26 25.86
CA VAL A 45 17.35 -10.54 24.97
C VAL A 45 18.45 -9.53 25.22
N SER A 46 18.12 -8.24 25.17
CA SER A 46 19.11 -7.18 25.19
C SER A 46 19.08 -6.39 26.50
N LEU A 47 20.28 -6.02 26.96
CA LEU A 47 20.48 -5.30 28.21
C LEU A 47 20.95 -3.89 27.89
N VAL A 48 20.36 -2.91 28.57
CA VAL A 48 20.59 -1.49 28.28
C VAL A 48 21.22 -0.83 29.50
N GLN A 49 22.34 -0.14 29.28
CA GLN A 49 23.06 0.59 30.32
C GLN A 49 22.99 2.07 29.97
N LEU A 50 22.14 2.83 30.64
CA LEU A 50 22.08 4.28 30.47
C LEU A 50 22.71 4.93 31.70
N THR A 51 23.72 5.77 31.46
CA THR A 51 24.39 6.48 32.55
C THR A 51 24.37 7.97 32.22
N LEU A 52 23.77 8.75 33.11
CA LEU A 52 23.79 10.21 33.04
C LEU A 52 24.44 10.71 34.32
N ARG A 53 25.63 11.30 34.20
CA ARG A 53 26.42 11.63 35.36
C ARG A 53 25.96 12.97 35.97
N SER A 54 26.59 13.31 37.10
CA SER A 54 26.18 14.50 37.85
C SER A 54 26.64 15.79 37.19
N GLU A 55 27.76 15.77 36.46
CA GLU A 55 28.27 16.99 35.84
C GLU A 55 27.53 17.36 34.56
N GLY A 56 26.73 16.44 34.00
CA GLY A 56 25.94 16.79 32.83
C GLY A 56 24.78 17.72 33.15
N PHE A 57 24.13 17.49 34.28
CA PHE A 57 23.02 18.35 34.70
C PHE A 57 23.55 19.68 35.23
N ASP A 58 22.70 20.70 35.19
CA ASP A 58 23.07 21.99 35.74
C ASP A 58 22.88 22.01 37.25
N THR A 59 21.65 21.83 37.71
CA THR A 59 21.33 21.74 39.13
C THR A 59 20.91 20.31 39.42
N TYR A 60 21.76 19.58 40.15
CA TYR A 60 21.50 18.18 40.42
C TYR A 60 21.82 17.87 41.88
N ARG A 61 20.85 17.34 42.60
CA ARG A 61 21.06 16.95 43.98
C ARG A 61 20.11 15.80 44.32
N CYS A 62 20.58 14.88 45.14
CA CYS A 62 19.76 13.75 45.60
C CYS A 62 19.96 13.57 47.10
N ASP A 63 18.86 13.28 47.80
CA ASP A 63 18.95 12.99 49.22
C ASP A 63 19.42 11.56 49.44
N ARG A 64 18.66 10.58 48.96
CA ARG A 64 19.01 9.17 49.05
C ARG A 64 19.10 8.57 47.64
N ASN A 65 19.32 7.26 47.59
CA ASN A 65 19.34 6.54 46.33
C ASN A 65 17.92 6.16 45.95
N LEU A 66 17.49 6.62 44.77
CA LEU A 66 16.12 6.42 44.30
C LEU A 66 16.11 5.40 43.17
N ALA A 67 15.16 4.46 43.24
CA ALA A 67 14.94 3.49 42.16
C ALA A 67 13.43 3.35 42.00
N MET A 68 12.85 4.18 41.13
CA MET A 68 11.40 4.18 40.93
C MET A 68 11.03 3.43 39.65
N GLY A 69 9.84 2.85 39.65
CA GLY A 69 9.36 2.07 38.54
C GLY A 69 8.59 2.92 37.54
N VAL A 70 9.07 2.97 36.30
CA VAL A 70 8.54 3.86 35.28
C VAL A 70 8.10 3.03 34.08
N ASN A 71 6.85 3.21 33.65
CA ASN A 71 6.43 2.76 32.34
C ASN A 71 7.01 3.73 31.31
N LEU A 72 7.94 3.25 30.48
CA LEU A 72 8.66 4.15 29.60
C LEU A 72 7.88 4.53 28.35
N THR A 73 6.80 3.84 28.01
CA THR A 73 5.91 4.40 26.99
C THR A 73 5.12 5.58 27.55
N SER A 74 4.81 5.56 28.85
CA SER A 74 4.17 6.70 29.49
C SER A 74 5.15 7.86 29.64
N MET A 75 6.40 7.55 29.96
CA MET A 75 7.42 8.59 30.05
C MET A 75 7.78 9.12 28.66
N SER A 76 7.66 8.29 27.63
CA SER A 76 7.84 8.79 26.26
C SER A 76 6.69 9.69 25.83
N LYS A 77 5.46 9.34 26.22
CA LYS A 77 4.32 10.21 25.92
C LYS A 77 4.32 11.50 26.74
N ILE A 78 5.02 11.53 27.87
CA ILE A 78 5.13 12.76 28.65
C ILE A 78 6.42 13.54 28.36
N LEU A 79 7.40 12.92 27.70
CA LEU A 79 8.56 13.63 27.15
C LEU A 79 8.41 13.98 25.68
N LYS A 80 7.30 13.61 25.05
CA LYS A 80 6.96 14.21 23.76
C LYS A 80 6.38 15.61 23.90
N CYS A 81 6.08 16.05 25.12
CA CYS A 81 5.49 17.36 25.35
C CYS A 81 6.51 18.48 25.19
N ALA A 82 7.78 18.19 25.48
CA ALA A 82 8.80 19.22 25.58
C ALA A 82 9.27 19.67 24.20
N GLY A 83 10.00 20.79 24.18
CA GLY A 83 10.63 21.29 22.99
C GLY A 83 12.13 21.00 22.97
N ASN A 84 12.75 21.37 21.86
CA ASN A 84 14.16 21.08 21.66
C ASN A 84 15.06 22.00 22.49
N GLU A 85 14.70 23.27 22.61
CA GLU A 85 15.41 24.21 23.46
C GLU A 85 14.85 24.26 24.87
N ASP A 86 13.84 23.43 25.17
CA ASP A 86 13.19 23.42 26.46
C ASP A 86 14.08 22.79 27.53
N ILE A 87 14.13 23.42 28.70
CA ILE A 87 14.88 22.89 29.84
C ILE A 87 13.95 22.00 30.65
N ILE A 88 14.52 21.03 31.35
CA ILE A 88 13.75 19.98 32.02
C ILE A 88 14.17 19.94 33.48
N THR A 89 13.21 20.07 34.38
CA THR A 89 13.45 19.96 35.82
C THR A 89 12.75 18.70 36.33
N LEU A 90 13.53 17.66 36.58
CA LEU A 90 13.02 16.48 37.28
C LEU A 90 12.75 16.81 38.74
N ARG A 91 11.79 16.09 39.33
CA ARG A 91 11.52 16.19 40.76
C ARG A 91 10.89 14.91 41.24
N ALA A 92 11.13 14.59 42.51
CA ALA A 92 10.52 13.44 43.16
C ALA A 92 10.42 13.73 44.65
N GLU A 93 9.61 12.94 45.35
CA GLU A 93 9.42 13.09 46.78
C GLU A 93 9.58 11.74 47.47
N ASP A 94 9.57 11.78 48.81
CA ASP A 94 9.85 10.59 49.59
C ASP A 94 8.63 9.68 49.71
N ASN A 95 7.56 10.19 50.33
CA ASN A 95 6.37 9.41 50.61
C ASN A 95 5.40 9.34 49.43
N ALA A 96 5.64 10.10 48.37
CA ALA A 96 4.75 10.15 47.23
C ALA A 96 5.25 9.21 46.14
N ASP A 97 4.34 8.42 45.59
CA ASP A 97 4.66 7.52 44.47
C ASP A 97 4.37 8.23 43.14
N THR A 98 5.09 9.32 42.92
CA THR A 98 4.84 10.20 41.77
C THR A 98 6.14 10.87 41.37
N LEU A 99 6.56 10.68 40.13
CA LEU A 99 7.72 11.36 39.58
C LEU A 99 7.27 12.63 38.86
N ALA A 100 7.81 13.77 39.28
CA ALA A 100 7.39 15.05 38.74
C ALA A 100 8.35 15.54 37.66
N LEU A 101 7.81 16.27 36.71
CA LEU A 101 8.55 16.83 35.59
C LEU A 101 8.10 18.27 35.37
N VAL A 102 9.06 19.17 35.21
CA VAL A 102 8.78 20.58 34.94
C VAL A 102 9.54 20.96 33.68
N PHE A 103 8.82 21.40 32.66
CA PHE A 103 9.41 21.88 31.41
C PHE A 103 9.27 23.39 31.36
N GLU A 104 10.38 24.08 31.09
CA GLU A 104 10.38 25.53 31.03
C GLU A 104 11.06 26.00 29.75
N ALA A 105 10.41 26.90 29.04
CA ALA A 105 11.05 27.49 27.88
C ALA A 105 11.92 28.67 28.32
N PRO A 106 13.18 28.73 27.87
CA PRO A 106 14.06 29.82 28.32
C PRO A 106 13.74 31.17 27.70
N ASN A 107 13.46 31.21 26.40
CA ASN A 107 13.16 32.46 25.71
C ASN A 107 11.70 32.89 25.87
N GLN A 108 10.85 32.05 26.46
CA GLN A 108 9.45 32.37 26.69
C GLN A 108 9.20 32.40 28.19
N GLU A 109 7.92 32.51 28.56
CA GLU A 109 7.48 32.50 29.95
C GLU A 109 6.43 31.41 30.14
N LYS A 110 6.74 30.22 29.64
CA LYS A 110 5.82 29.08 29.68
C LYS A 110 6.40 27.99 30.57
N VAL A 111 5.60 27.50 31.51
CA VAL A 111 5.98 26.40 32.39
C VAL A 111 4.90 25.32 32.27
N SER A 112 5.33 24.06 32.20
CA SER A 112 4.40 22.94 32.00
C SER A 112 4.76 21.85 33.01
N ASP A 113 4.15 21.91 34.18
CA ASP A 113 4.40 20.91 35.22
C ASP A 113 3.69 19.61 34.85
N TYR A 114 4.43 18.51 34.94
CA TYR A 114 3.93 17.19 34.57
C TYR A 114 4.21 16.23 35.71
N GLU A 115 3.20 15.44 36.09
CA GLU A 115 3.37 14.39 37.08
C GLU A 115 3.17 13.04 36.42
N MET A 116 3.77 12.01 37.01
CA MET A 116 3.72 10.66 36.45
C MET A 116 3.24 9.69 37.51
N LYS A 117 2.58 8.63 37.05
CA LYS A 117 2.13 7.55 37.92
C LYS A 117 3.16 6.43 37.85
N LEU A 118 3.73 6.08 38.99
CA LEU A 118 4.72 5.02 39.09
C LEU A 118 4.07 3.73 39.58
N MET A 119 4.82 2.64 39.47
CA MET A 119 4.33 1.34 39.94
C MET A 119 5.48 0.59 40.60
N ASP A 120 5.11 -0.43 41.38
CA ASP A 120 6.07 -1.25 42.08
C ASP A 120 6.49 -2.42 41.19
N LEU A 121 7.80 -2.63 41.07
CA LEU A 121 8.32 -3.69 40.22
C LEU A 121 9.61 -4.21 40.80
N ASP A 122 9.99 -5.43 40.39
CA ASP A 122 11.20 -6.06 40.86
C ASP A 122 12.42 -5.40 40.23
N VAL A 123 13.40 -5.07 41.06
CA VAL A 123 14.60 -4.37 40.61
C VAL A 123 15.64 -5.41 40.18
N GLU A 124 16.15 -5.25 38.96
CA GLU A 124 17.14 -6.15 38.39
C GLU A 124 18.50 -5.46 38.38
N GLN A 125 19.53 -6.18 38.81
CA GLN A 125 20.91 -5.70 38.74
C GLN A 125 21.75 -6.77 38.05
N LEU A 126 22.18 -6.49 36.83
CA LEU A 126 23.06 -7.38 36.06
C LEU A 126 24.30 -6.56 35.72
N GLY A 127 25.26 -6.53 36.64
CA GLY A 127 26.48 -5.78 36.43
C GLY A 127 27.44 -6.47 35.49
N ILE A 128 27.57 -5.97 34.28
CA ILE A 128 28.47 -6.54 33.28
C ILE A 128 29.89 -6.14 33.63
N PRO A 129 30.81 -7.08 33.82
CA PRO A 129 32.21 -6.70 34.09
C PRO A 129 32.89 -6.16 32.84
N GLU A 130 33.66 -5.10 33.03
CA GLU A 130 34.30 -4.42 31.92
C GLU A 130 35.70 -4.99 31.66
N GLN A 131 36.11 -4.90 30.41
CA GLN A 131 37.43 -5.37 29.99
C GLN A 131 37.80 -4.63 28.70
N GLU A 132 39.07 -4.78 28.32
CA GLU A 132 39.52 -4.27 27.03
C GLU A 132 38.95 -5.14 25.93
N TYR A 133 38.00 -4.60 25.17
CA TYR A 133 37.36 -5.35 24.12
C TYR A 133 38.29 -5.55 22.92
N SER A 134 38.18 -6.72 22.29
CA SER A 134 39.07 -7.05 21.18
C SER A 134 38.70 -6.33 19.89
N CYS A 135 37.47 -5.81 19.80
CA CYS A 135 36.97 -5.16 18.60
C CYS A 135 36.33 -3.82 19.00
N VAL A 136 37.06 -2.73 18.87
CA VAL A 136 36.53 -1.41 19.18
C VAL A 136 36.40 -0.65 17.87
N VAL A 137 35.16 -0.33 17.51
CA VAL A 137 34.85 0.37 16.28
C VAL A 137 34.17 1.69 16.65
N LYS A 138 34.82 2.81 16.34
CA LYS A 138 34.27 4.13 16.55
C LYS A 138 33.90 4.68 15.17
N MET A 139 32.65 4.50 14.79
CA MET A 139 32.13 4.81 13.48
C MET A 139 31.10 5.93 13.56
N PRO A 140 30.82 6.63 12.46
CA PRO A 140 29.73 7.61 12.45
C PRO A 140 28.36 6.99 12.73
N SER A 141 27.53 7.75 13.44
CA SER A 141 26.28 7.21 13.96
C SER A 141 25.23 7.08 12.87
N GLY A 142 25.18 8.05 11.97
CA GLY A 142 24.25 7.97 10.84
C GLY A 142 24.61 6.88 9.86
N GLU A 143 25.90 6.54 9.77
CA GLU A 143 26.31 5.44 8.91
C GLU A 143 25.89 4.09 9.48
N PHE A 144 25.99 3.92 10.81
CA PHE A 144 25.49 2.71 11.45
C PHE A 144 23.97 2.63 11.38
N ALA A 145 23.29 3.78 11.46
CA ALA A 145 21.84 3.84 11.26
C ALA A 145 21.46 3.43 9.85
N ARG A 146 22.21 3.91 8.86
CA ARG A 146 22.00 3.56 7.46
C ARG A 146 22.23 2.08 7.22
N ILE A 147 23.28 1.52 7.85
CA ILE A 147 23.65 0.11 7.69
C ILE A 147 22.58 -0.82 8.28
N CYS A 148 22.08 -0.49 9.48
CA CYS A 148 21.04 -1.33 10.07
C CYS A 148 19.71 -1.19 9.33
N ARG A 149 19.32 0.04 8.96
CA ARG A 149 18.06 0.25 8.25
C ARG A 149 18.07 -0.24 6.81
N ASP A 150 19.24 -0.44 6.17
CA ASP A 150 19.12 -1.02 4.84
C ASP A 150 19.46 -2.50 4.81
N LEU A 151 20.12 -3.03 5.86
CA LEU A 151 20.27 -4.47 5.97
C LEU A 151 19.04 -5.14 6.54
N SER A 152 18.11 -4.37 7.12
CA SER A 152 16.85 -4.92 7.63
C SER A 152 15.99 -5.55 6.54
N HIS A 153 16.08 -5.04 5.31
CA HIS A 153 15.27 -5.53 4.20
C HIS A 153 15.77 -6.86 3.63
N ILE A 154 16.97 -7.30 4.00
CA ILE A 154 17.51 -8.53 3.44
C ILE A 154 17.23 -9.71 4.36
N GLY A 155 17.75 -9.67 5.57
CA GLY A 155 17.61 -10.79 6.48
C GLY A 155 17.54 -10.35 7.92
N ASP A 156 17.12 -11.27 8.77
CA ASP A 156 17.00 -11.00 10.20
C ASP A 156 18.33 -11.11 10.93
N ALA A 157 19.38 -11.59 10.28
CA ALA A 157 20.67 -11.78 10.91
C ALA A 157 21.73 -11.00 10.15
N VAL A 158 22.76 -10.56 10.89
CA VAL A 158 23.87 -9.80 10.33
C VAL A 158 25.16 -10.38 10.91
N VAL A 159 26.19 -10.49 10.08
CA VAL A 159 27.51 -10.90 10.54
C VAL A 159 28.49 -9.76 10.31
N ILE A 160 29.36 -9.54 11.29
CA ILE A 160 30.34 -8.45 11.20
C ILE A 160 31.73 -9.05 11.09
N SER A 161 32.18 -9.31 9.85
CA SER A 161 33.50 -9.90 9.63
C SER A 161 34.54 -8.78 9.53
N CYS A 162 34.85 -8.23 10.70
CA CYS A 162 35.68 -7.06 10.81
C CYS A 162 37.16 -7.39 10.62
N ALA A 163 37.95 -6.36 10.38
CA ALA A 163 39.39 -6.50 10.23
C ALA A 163 40.04 -5.20 10.72
N LYS A 164 41.37 -5.25 10.85
CA LYS A 164 42.10 -4.07 11.33
C LYS A 164 42.17 -2.97 10.28
N ASP A 165 42.15 -3.34 9.00
CA ASP A 165 42.09 -2.33 7.95
C ASP A 165 40.71 -1.71 7.82
N GLY A 166 39.67 -2.41 8.24
CA GLY A 166 38.32 -1.88 8.15
C GLY A 166 37.24 -2.86 8.57
N VAL A 167 36.04 -2.36 8.82
CA VAL A 167 34.94 -3.17 9.31
C VAL A 167 34.05 -3.56 8.14
N LYS A 168 33.49 -4.77 8.19
CA LYS A 168 32.67 -5.30 7.12
C LYS A 168 31.37 -5.85 7.69
N PHE A 169 30.26 -5.13 7.48
CA PHE A 169 28.94 -5.60 7.88
C PHE A 169 28.37 -6.43 6.75
N SER A 170 27.93 -7.65 7.06
CA SER A 170 27.42 -8.56 6.06
C SER A 170 26.15 -9.24 6.53
N ALA A 171 25.22 -9.43 5.61
CA ALA A 171 23.97 -10.10 5.94
C ALA A 171 23.53 -10.96 4.77
N SER A 172 22.75 -12.00 5.09
CA SER A 172 22.26 -12.95 4.10
C SER A 172 20.80 -13.23 4.37
N GLY A 173 20.01 -13.35 3.31
CA GLY A 173 18.59 -13.59 3.46
C GLY A 173 18.00 -14.16 2.20
N GLU A 174 16.68 -14.32 2.22
CA GLU A 174 15.97 -14.87 1.07
C GLU A 174 15.88 -13.88 -0.08
N LEU A 175 16.01 -12.59 0.19
CA LEU A 175 16.03 -11.60 -0.88
C LEU A 175 17.37 -11.58 -1.60
N GLY A 176 18.45 -11.88 -0.90
CA GLY A 176 19.78 -11.82 -1.49
C GLY A 176 20.82 -11.73 -0.39
N ASN A 177 21.94 -11.10 -0.73
CA ASN A 177 23.03 -10.88 0.21
C ASN A 177 23.52 -9.45 0.09
N GLY A 178 24.19 -8.98 1.14
CA GLY A 178 24.73 -7.63 1.15
C GLY A 178 25.95 -7.51 2.04
N ASN A 179 26.98 -6.81 1.57
CA ASN A 179 28.25 -6.70 2.27
C ASN A 179 28.69 -5.23 2.26
N ILE A 180 28.47 -4.52 3.36
CA ILE A 180 28.91 -3.14 3.49
C ILE A 180 30.30 -3.16 4.10
N LYS A 181 31.28 -2.65 3.37
CA LYS A 181 32.67 -2.59 3.82
C LYS A 181 33.07 -1.14 4.00
N LEU A 182 33.57 -0.80 5.18
CA LEU A 182 33.98 0.55 5.52
C LEU A 182 35.50 0.59 5.68
N SER A 183 36.15 1.39 4.85
CA SER A 183 37.58 1.61 5.03
C SER A 183 37.82 2.50 6.24
N GLN A 184 38.97 2.30 6.89
CA GLN A 184 39.36 3.15 8.02
C GLN A 184 39.80 4.50 7.48
N THR A 185 38.95 5.51 7.65
CA THR A 185 39.16 6.82 7.06
C THR A 185 40.09 7.63 7.95
N SER A 186 41.18 8.11 7.37
CA SER A 186 42.12 8.97 8.07
C SER A 186 42.20 10.38 7.49
N ASN A 187 41.93 10.55 6.20
CA ASN A 187 42.05 11.85 5.54
C ASN A 187 40.69 12.56 5.48
N VAL A 188 40.08 12.75 6.66
CA VAL A 188 38.84 13.51 6.74
C VAL A 188 39.07 14.71 7.67
N ASP A 189 40.01 14.55 8.62
CA ASP A 189 40.42 15.55 9.62
C ASP A 189 39.25 16.10 10.44
N LYS A 190 38.31 15.21 10.79
CA LYS A 190 37.09 15.60 11.45
C LYS A 190 36.85 14.91 12.79
N GLU A 191 37.29 13.64 12.93
CA GLU A 191 37.13 12.77 14.10
C GLU A 191 35.67 12.52 14.48
N GLU A 192 34.74 12.68 13.54
CA GLU A 192 33.33 12.30 13.64
C GLU A 192 32.89 11.46 12.46
N GLU A 193 33.37 11.76 11.26
CA GLU A 193 33.13 10.96 10.08
C GLU A 193 34.12 9.82 9.92
N ALA A 194 35.19 9.81 10.72
CA ALA A 194 36.21 8.78 10.62
C ALA A 194 35.75 7.50 11.31
N VAL A 195 35.99 6.36 10.66
CA VAL A 195 35.69 5.06 11.23
C VAL A 195 36.96 4.59 11.93
N THR A 196 37.08 4.93 13.20
CA THR A 196 38.29 4.62 13.97
C THR A 196 38.26 3.15 14.38
N ILE A 197 39.31 2.43 13.99
CA ILE A 197 39.40 0.99 14.17
C ILE A 197 40.58 0.69 15.09
N GLU A 198 40.29 0.06 16.23
CA GLU A 198 41.30 -0.34 17.20
C GLU A 198 41.02 -1.78 17.62
N MET A 199 41.93 -2.69 17.27
CA MET A 199 41.73 -4.11 17.55
C MET A 199 43.04 -4.74 17.99
N ASN A 200 42.96 -6.04 18.31
CA ASN A 200 44.13 -6.90 18.38
C ASN A 200 43.91 -8.24 17.70
N GLU A 201 42.66 -8.61 17.38
CA GLU A 201 42.32 -9.86 16.70
C GLU A 201 40.99 -9.68 15.97
N PRO A 202 40.91 -10.04 14.69
CA PRO A 202 39.64 -9.90 13.97
C PRO A 202 38.65 -11.00 14.36
N VAL A 203 37.38 -10.62 14.47
CA VAL A 203 36.31 -11.51 14.88
C VAL A 203 35.17 -11.43 13.87
N GLN A 204 34.19 -12.32 14.03
CA GLN A 204 33.05 -12.40 13.12
C GLN A 204 31.89 -13.04 13.87
N LEU A 205 30.84 -12.25 14.14
CA LEU A 205 29.77 -12.68 15.02
C LEU A 205 28.41 -12.48 14.37
N THR A 206 27.54 -13.47 14.51
CA THR A 206 26.18 -13.41 13.98
C THR A 206 25.29 -12.67 14.98
N PHE A 207 24.63 -11.61 14.53
CA PHE A 207 23.85 -10.74 15.41
C PHE A 207 22.41 -10.63 14.92
N ALA A 208 21.49 -10.52 15.86
CA ALA A 208 20.12 -10.18 15.52
C ALA A 208 20.05 -8.73 15.05
N LEU A 209 19.27 -8.50 14.02
CA LEU A 209 19.27 -7.21 13.33
C LEU A 209 18.04 -6.37 13.62
N ARG A 210 16.93 -7.00 14.00
CA ARG A 210 15.79 -6.26 14.52
C ARG A 210 16.13 -5.58 15.85
N TYR A 211 16.98 -6.23 16.65
CA TYR A 211 17.46 -5.61 17.87
C TYR A 211 18.43 -4.47 17.59
N LEU A 212 19.24 -4.56 16.53
CA LEU A 212 20.08 -3.40 16.16
C LEU A 212 19.25 -2.26 15.58
N ASN A 213 18.14 -2.58 14.92
CA ASN A 213 17.20 -1.54 14.48
C ASN A 213 16.53 -0.86 15.67
N PHE A 214 16.25 -1.63 16.72
CA PHE A 214 15.76 -1.02 17.95
C PHE A 214 16.86 -0.27 18.69
N PHE A 215 18.11 -0.65 18.49
CA PHE A 215 19.23 0.04 19.14
C PHE A 215 19.49 1.39 18.49
N THR A 216 19.34 1.47 17.17
CA THR A 216 19.80 2.64 16.43
C THR A 216 18.78 3.81 16.42
N LYS A 217 17.82 3.83 17.34
CA LYS A 217 16.98 5.01 17.52
C LYS A 217 17.63 6.06 18.40
N ALA A 218 18.83 5.78 18.94
CA ALA A 218 19.58 6.69 19.78
C ALA A 218 20.53 7.57 18.98
N THR A 219 20.49 7.48 17.66
CA THR A 219 21.33 8.27 16.75
C THR A 219 21.27 9.80 16.81
N PRO A 220 20.21 10.49 17.26
CA PRO A 220 20.36 11.94 17.48
C PRO A 220 21.12 12.32 18.75
N LEU A 221 21.47 11.38 19.63
CA LEU A 221 22.27 11.72 20.80
C LEU A 221 23.72 12.02 20.43
N SER A 222 24.31 11.19 19.58
CA SER A 222 25.72 11.29 19.27
C SER A 222 25.92 11.21 17.77
N SER A 223 27.04 11.75 17.31
CA SER A 223 27.49 11.58 15.94
C SER A 223 28.46 10.40 15.80
N THR A 224 28.75 9.71 16.90
CA THR A 224 29.67 8.57 16.89
C THR A 224 29.03 7.40 17.61
N VAL A 225 29.22 6.20 17.07
CA VAL A 225 28.85 4.96 17.74
C VAL A 225 30.13 4.20 18.09
N THR A 226 30.32 3.90 19.36
CA THR A 226 31.45 3.09 19.80
C THR A 226 30.98 1.64 19.86
N LEU A 227 31.24 0.89 18.79
CA LEU A 227 30.92 -0.53 18.74
C LEU A 227 32.05 -1.29 19.42
N SER A 228 31.74 -1.94 20.54
CA SER A 228 32.72 -2.72 21.29
C SER A 228 32.21 -4.15 21.41
N MET A 229 33.00 -5.11 20.96
CA MET A 229 32.65 -6.52 21.08
C MET A 229 33.90 -7.38 21.16
N SER A 230 33.69 -8.66 21.41
CA SER A 230 34.76 -9.65 21.53
C SER A 230 34.21 -10.96 21.01
N ALA A 231 34.86 -12.07 21.36
CA ALA A 231 34.48 -13.38 20.83
C ALA A 231 33.17 -13.88 21.43
N ASP A 232 33.00 -13.75 22.74
CA ASP A 232 31.83 -14.29 23.43
C ASP A 232 31.03 -13.25 24.20
N VAL A 233 31.65 -12.15 24.61
CA VAL A 233 31.00 -11.08 25.35
C VAL A 233 30.10 -10.33 24.35
N PRO A 234 28.90 -9.89 24.76
CA PRO A 234 27.99 -9.21 23.83
C PRO A 234 28.50 -7.87 23.32
N LEU A 235 27.91 -7.44 22.20
CA LEU A 235 28.28 -6.21 21.52
C LEU A 235 27.84 -4.99 22.31
N VAL A 236 28.76 -4.08 22.57
CA VAL A 236 28.45 -2.83 23.26
C VAL A 236 28.23 -1.75 22.21
N VAL A 237 27.03 -1.20 22.17
CA VAL A 237 26.72 -0.08 21.28
C VAL A 237 26.67 1.16 22.18
N GLU A 238 27.77 1.88 22.24
CA GLU A 238 27.91 3.00 23.17
C GLU A 238 27.60 4.31 22.45
N TYR A 239 26.63 5.04 22.97
CA TYR A 239 26.23 6.35 22.46
C TYR A 239 26.77 7.39 23.42
N LYS A 240 27.89 8.00 23.07
CA LYS A 240 28.57 8.95 23.94
C LYS A 240 27.88 10.30 23.83
N ILE A 241 27.11 10.65 24.87
CA ILE A 241 26.68 12.02 25.03
C ILE A 241 27.90 12.86 25.40
N ALA A 242 28.00 14.05 24.81
CA ALA A 242 29.26 14.81 24.77
C ALA A 242 29.67 15.37 26.13
N ASP A 243 28.73 15.55 27.06
CA ASP A 243 29.09 16.03 28.38
C ASP A 243 28.31 15.40 29.53
N MET A 244 27.59 14.30 29.30
CA MET A 244 26.69 13.76 30.30
C MET A 244 26.96 12.31 30.67
N GLY A 245 27.31 11.47 29.71
CA GLY A 245 27.53 10.08 30.02
C GLY A 245 27.41 9.25 28.76
N HIS A 246 27.08 7.98 28.94
CA HIS A 246 27.02 7.03 27.85
C HIS A 246 25.73 6.25 27.92
N LEU A 247 25.27 5.79 26.76
CA LEU A 247 24.14 4.89 26.65
C LEU A 247 24.62 3.63 25.95
N LYS A 248 24.69 2.53 26.69
CA LYS A 248 25.22 1.27 26.20
C LYS A 248 24.10 0.26 26.04
N TYR A 249 24.03 -0.37 24.88
CA TYR A 249 23.19 -1.54 24.69
C TYR A 249 24.06 -2.77 24.54
N TYR A 250 23.55 -3.91 25.00
CA TYR A 250 24.26 -5.18 24.94
C TYR A 250 23.42 -6.16 24.14
N LEU A 251 24.05 -6.86 23.19
CA LEU A 251 23.34 -7.77 22.30
C LEU A 251 24.06 -9.11 22.27
N ALA A 252 23.40 -10.14 22.79
CA ALA A 252 23.93 -11.50 22.74
C ALA A 252 23.91 -12.02 21.31
N PRO A 253 24.97 -12.69 20.85
CA PRO A 253 25.01 -13.17 19.47
C PRO A 253 24.13 -14.39 19.26
N LYS A 254 23.84 -14.65 18.00
CA LYS A 254 23.04 -15.81 17.62
C LYS A 254 23.94 -17.04 17.42
N PHE B 2 -23.82 34.04 -8.32
CA PHE B 2 -22.83 33.99 -7.25
C PHE B 2 -21.43 33.78 -7.81
N GLU B 3 -20.50 34.62 -7.37
CA GLU B 3 -19.11 34.52 -7.83
C GLU B 3 -18.23 35.11 -6.73
N ALA B 4 -17.54 34.25 -5.99
CA ALA B 4 -16.61 34.66 -4.94
C ALA B 4 -15.20 34.33 -5.40
N ARG B 5 -14.43 35.36 -5.75
CA ARG B 5 -13.06 35.19 -6.21
C ARG B 5 -12.10 35.60 -5.10
N LEU B 6 -11.20 34.70 -4.74
CA LEU B 6 -10.21 34.97 -3.72
C LEU B 6 -8.92 35.46 -4.37
N VAL B 7 -7.93 35.76 -3.53
CA VAL B 7 -6.56 35.96 -4.01
C VAL B 7 -5.56 35.09 -3.26
N GLN B 8 -5.86 34.64 -2.05
CA GLN B 8 -5.03 33.70 -1.30
C GLN B 8 -5.83 32.41 -1.17
N GLY B 9 -5.48 31.41 -1.98
CA GLY B 9 -6.20 30.15 -1.96
C GLY B 9 -5.92 29.28 -0.74
N SER B 10 -4.81 29.56 -0.05
CA SER B 10 -4.44 28.83 1.15
C SER B 10 -5.42 29.08 2.29
N ILE B 11 -6.08 30.24 2.30
CA ILE B 11 -7.07 30.57 3.33
C ILE B 11 -8.27 29.64 3.25
N LEU B 12 -8.84 29.49 2.05
CA LEU B 12 -10.02 28.63 1.90
C LEU B 12 -9.64 27.16 1.96
N LYS B 13 -8.43 26.81 1.49
CA LYS B 13 -7.94 25.44 1.61
C LYS B 13 -7.72 25.05 3.07
N LYS B 14 -7.22 25.97 3.89
CA LYS B 14 -7.03 25.70 5.31
C LYS B 14 -8.36 25.70 6.08
N VAL B 15 -9.35 26.49 5.63
CA VAL B 15 -10.69 26.41 6.22
C VAL B 15 -11.34 25.05 5.97
N LEU B 16 -11.20 24.52 4.74
CA LEU B 16 -11.75 23.20 4.46
C LEU B 16 -10.96 22.07 5.12
N GLU B 17 -9.64 22.23 5.28
CA GLU B 17 -8.89 21.26 6.07
C GLU B 17 -9.19 21.37 7.56
N ALA B 18 -9.63 22.53 8.02
CA ALA B 18 -10.06 22.70 9.40
C ALA B 18 -11.41 22.03 9.64
N LEU B 19 -12.34 22.19 8.71
CA LEU B 19 -13.71 21.70 8.88
C LEU B 19 -13.93 20.33 8.29
N LYS B 20 -12.89 19.69 7.75
CA LYS B 20 -13.04 18.38 7.14
C LYS B 20 -13.29 17.29 8.18
N ASP B 21 -12.47 17.26 9.23
CA ASP B 21 -12.55 16.20 10.21
C ASP B 21 -13.72 16.37 11.18
N LEU B 22 -14.15 17.59 11.42
CA LEU B 22 -15.12 17.86 12.47
C LEU B 22 -16.55 17.82 11.97
N ILE B 23 -16.82 18.47 10.84
CA ILE B 23 -18.15 18.52 10.24
C ILE B 23 -18.12 17.68 8.96
N ASN B 24 -19.13 16.83 8.78
CA ASN B 24 -19.29 16.12 7.52
C ASN B 24 -20.07 16.95 6.51
N GLU B 25 -21.29 17.36 6.86
CA GLU B 25 -22.13 18.15 5.98
C GLU B 25 -22.63 19.38 6.73
N ALA B 26 -22.60 20.53 6.06
CA ALA B 26 -23.09 21.77 6.64
C ALA B 26 -23.60 22.67 5.54
N CYS B 27 -24.38 23.67 5.94
CA CYS B 27 -25.00 24.60 5.01
C CYS B 27 -24.16 25.86 4.92
N TRP B 28 -23.52 26.06 3.77
CA TRP B 28 -22.81 27.30 3.52
C TRP B 28 -23.83 28.41 3.23
N ASP B 29 -24.24 29.13 4.26
CA ASP B 29 -25.24 30.18 4.12
C ASP B 29 -24.56 31.40 3.51
N ILE B 30 -24.47 31.40 2.18
CA ILE B 30 -23.80 32.46 1.44
C ILE B 30 -24.78 33.62 1.31
N SER B 31 -24.63 34.62 2.18
CA SER B 31 -25.47 35.80 2.16
C SER B 31 -24.85 36.88 1.29
N SER B 32 -25.50 38.04 1.25
CA SER B 32 -24.96 39.16 0.48
C SER B 32 -23.79 39.82 1.20
N SER B 33 -23.76 39.74 2.53
CA SER B 33 -22.66 40.34 3.29
C SER B 33 -21.39 39.51 3.16
N GLY B 34 -21.50 38.20 3.18
CA GLY B 34 -20.34 37.34 3.04
C GLY B 34 -20.73 35.89 3.22
N VAL B 35 -19.76 35.03 2.95
CA VAL B 35 -19.98 33.58 3.03
C VAL B 35 -19.96 33.16 4.50
N ASN B 36 -21.07 32.60 4.97
CA ASN B 36 -21.24 32.26 6.36
C ASN B 36 -21.52 30.77 6.49
N LEU B 37 -20.96 30.16 7.53
CA LEU B 37 -21.25 28.76 7.85
C LEU B 37 -21.44 28.65 9.36
N GLN B 38 -22.68 28.54 9.79
CA GLN B 38 -23.00 28.21 11.18
C GLN B 38 -23.38 26.74 11.20
N SER B 39 -22.56 25.91 11.85
CA SER B 39 -22.76 24.48 11.84
C SER B 39 -22.71 23.92 13.25
N MET B 40 -23.20 22.70 13.38
CA MET B 40 -23.22 21.98 14.64
C MET B 40 -22.49 20.67 14.37
N ASP B 41 -21.86 20.11 15.41
CA ASP B 41 -20.97 18.95 15.26
C ASP B 41 -21.74 17.69 14.86
N SER B 42 -21.02 16.79 14.17
CA SER B 42 -21.56 15.49 13.82
C SER B 42 -21.72 14.61 15.07
N SER B 43 -20.88 14.81 16.07
CA SER B 43 -21.06 14.18 17.37
C SER B 43 -21.99 14.97 18.27
N HIS B 44 -22.47 16.13 17.79
CA HIS B 44 -23.44 17.01 18.45
C HIS B 44 -22.95 17.49 19.81
N VAL B 45 -21.68 17.89 19.85
CA VAL B 45 -21.06 18.46 21.04
C VAL B 45 -20.60 19.90 20.80
N SER B 46 -19.79 20.10 19.76
CA SER B 46 -19.25 21.42 19.47
C SER B 46 -20.14 22.16 18.48
N LEU B 47 -19.81 23.43 18.24
CA LEU B 47 -20.54 24.25 17.29
C LEU B 47 -19.52 25.11 16.55
N VAL B 48 -19.68 25.22 15.24
CA VAL B 48 -18.78 25.97 14.38
C VAL B 48 -19.57 27.12 13.78
N GLN B 49 -19.07 28.35 13.93
CA GLN B 49 -19.66 29.51 13.27
C GLN B 49 -18.54 30.13 12.45
N LEU B 50 -18.50 29.80 11.17
CA LEU B 50 -17.51 30.32 10.25
C LEU B 50 -18.09 31.51 9.49
N THR B 51 -17.37 32.63 9.52
CA THR B 51 -17.77 33.83 8.79
C THR B 51 -16.64 34.24 7.89
N LEU B 52 -16.96 34.47 6.61
CA LEU B 52 -15.99 34.94 5.61
C LEU B 52 -16.62 36.15 4.93
N ARG B 53 -16.19 37.35 5.32
CA ARG B 53 -16.78 38.57 4.80
C ARG B 53 -16.26 38.85 3.39
N SER B 54 -16.97 39.75 2.71
CA SER B 54 -16.73 40.02 1.29
C SER B 54 -15.59 41.00 1.05
N GLU B 55 -14.96 41.53 2.10
CA GLU B 55 -13.82 42.42 1.90
C GLU B 55 -12.58 41.65 1.47
N GLY B 56 -12.41 40.43 2.00
CA GLY B 56 -11.27 39.61 1.62
C GLY B 56 -11.40 38.96 0.27
N PHE B 57 -12.64 38.75 -0.19
CA PHE B 57 -12.88 38.29 -1.55
C PHE B 57 -12.60 39.42 -2.52
N ASP B 58 -11.81 39.14 -3.56
CA ASP B 58 -11.47 40.18 -4.52
C ASP B 58 -12.61 40.48 -5.50
N THR B 59 -13.56 39.57 -5.64
CA THR B 59 -14.74 39.81 -6.46
C THR B 59 -15.91 39.08 -5.80
N TYR B 60 -16.98 39.81 -5.48
CA TYR B 60 -18.14 39.23 -4.81
C TYR B 60 -19.39 39.69 -5.53
N ARG B 61 -20.12 38.73 -6.10
CA ARG B 61 -21.27 39.00 -6.96
C ARG B 61 -22.41 38.05 -6.59
N CYS B 62 -22.69 37.94 -5.30
CA CYS B 62 -23.77 37.08 -4.81
C CYS B 62 -25.02 37.94 -4.61
N ASP B 63 -25.83 38.03 -5.65
CA ASP B 63 -27.03 38.86 -5.59
C ASP B 63 -28.14 38.22 -4.77
N ARG B 64 -28.31 36.90 -4.90
CA ARG B 64 -29.38 36.21 -4.22
C ARG B 64 -28.88 35.56 -2.94
N ASN B 65 -29.67 35.70 -1.87
CA ASN B 65 -29.36 35.06 -0.60
C ASN B 65 -29.60 33.56 -0.71
N LEU B 66 -28.56 32.81 -1.03
CA LEU B 66 -28.68 31.40 -1.38
C LEU B 66 -27.78 30.56 -0.50
N ALA B 67 -28.32 29.42 -0.05
CA ALA B 67 -27.61 28.52 0.85
C ALA B 67 -27.74 27.09 0.34
N MET B 68 -26.64 26.35 0.36
CA MET B 68 -26.63 24.97 -0.10
C MET B 68 -25.90 24.08 0.90
N GLY B 69 -26.24 22.80 0.87
CA GLY B 69 -25.61 21.83 1.75
C GLY B 69 -24.49 21.10 1.07
N VAL B 70 -23.28 21.21 1.60
CA VAL B 70 -22.07 20.70 0.99
C VAL B 70 -21.43 19.68 1.92
N ASN B 71 -21.08 18.51 1.37
CA ASN B 71 -20.24 17.55 2.08
C ASN B 71 -18.85 18.15 2.26
N LEU B 72 -18.41 18.29 3.52
CA LEU B 72 -17.15 18.97 3.80
C LEU B 72 -15.95 18.08 3.49
N THR B 73 -16.11 16.76 3.58
CA THR B 73 -15.04 15.84 3.21
C THR B 73 -14.78 15.88 1.71
N SER B 74 -15.86 15.90 0.92
CA SER B 74 -15.75 15.97 -0.52
C SER B 74 -15.20 17.31 -0.98
N MET B 75 -15.68 18.40 -0.37
CA MET B 75 -15.23 19.73 -0.78
C MET B 75 -13.83 20.01 -0.27
N SER B 76 -13.44 19.38 0.85
CA SER B 76 -12.05 19.42 1.27
C SER B 76 -11.15 18.61 0.34
N LYS B 77 -11.67 17.55 -0.29
CA LYS B 77 -10.90 16.84 -1.29
C LYS B 77 -10.71 17.67 -2.57
N ILE B 78 -11.76 18.38 -3.01
CA ILE B 78 -11.61 19.28 -4.16
C ILE B 78 -10.71 20.48 -3.82
N LEU B 79 -10.76 20.98 -2.58
CA LEU B 79 -9.79 21.99 -2.18
C LEU B 79 -8.38 21.42 -1.97
N LYS B 80 -8.26 20.12 -1.73
CA LYS B 80 -6.96 19.46 -1.75
C LYS B 80 -6.45 19.29 -3.18
N CYS B 81 -7.34 19.31 -4.18
CA CYS B 81 -6.88 19.37 -5.56
C CYS B 81 -6.27 20.72 -5.91
N ALA B 82 -6.59 21.78 -5.20
CA ALA B 82 -5.93 23.06 -5.41
C ALA B 82 -4.53 23.03 -4.83
N GLY B 83 -3.70 23.96 -5.29
CA GLY B 83 -2.33 24.05 -4.83
C GLY B 83 -2.21 24.77 -3.50
N ASN B 84 -0.96 24.99 -3.08
CA ASN B 84 -0.71 25.70 -1.84
C ASN B 84 -1.02 27.19 -1.96
N GLU B 85 -0.81 27.77 -3.14
CA GLU B 85 -1.16 29.16 -3.42
C GLU B 85 -1.87 29.20 -4.76
N ASP B 86 -3.17 29.49 -4.75
CA ASP B 86 -3.97 29.55 -5.95
C ASP B 86 -4.89 30.76 -5.89
N ILE B 87 -5.63 30.97 -6.96
CA ILE B 87 -6.70 31.96 -7.02
C ILE B 87 -7.99 31.17 -7.18
N ILE B 88 -8.83 31.18 -6.14
CA ILE B 88 -10.05 30.38 -6.13
C ILE B 88 -11.21 31.26 -6.53
N THR B 89 -11.87 30.91 -7.63
CA THR B 89 -13.07 31.61 -8.08
C THR B 89 -14.26 30.67 -7.88
N LEU B 90 -15.04 30.93 -6.84
CA LEU B 90 -16.31 30.24 -6.65
C LEU B 90 -17.29 30.66 -7.73
N ARG B 91 -18.22 29.77 -8.06
CA ARG B 91 -19.24 30.03 -9.07
C ARG B 91 -20.42 29.13 -8.81
N ALA B 92 -21.63 29.67 -8.91
CA ALA B 92 -22.84 28.88 -8.80
C ALA B 92 -23.95 29.57 -9.59
N GLU B 93 -24.97 28.79 -9.93
CA GLU B 93 -26.18 29.31 -10.56
C GLU B 93 -27.38 29.00 -9.68
N ASP B 94 -28.45 29.75 -9.89
CA ASP B 94 -29.64 29.62 -9.06
C ASP B 94 -30.40 28.34 -9.38
N ASN B 95 -30.52 28.02 -10.67
CA ASN B 95 -31.21 26.79 -11.06
C ASN B 95 -30.31 25.57 -10.91
N ALA B 96 -29.00 25.74 -11.16
CA ALA B 96 -28.08 24.61 -11.12
C ALA B 96 -27.72 24.26 -9.69
N ASP B 97 -27.81 22.97 -9.36
CA ASP B 97 -27.49 22.48 -8.01
C ASP B 97 -26.05 22.00 -7.90
N THR B 98 -25.10 22.87 -8.27
CA THR B 98 -23.68 22.54 -8.16
C THR B 98 -22.92 23.78 -7.71
N LEU B 99 -21.75 23.56 -7.12
CA LEU B 99 -20.87 24.65 -6.73
C LEU B 99 -19.59 24.54 -7.53
N ALA B 100 -19.43 25.41 -8.52
CA ALA B 100 -18.26 25.36 -9.37
C ALA B 100 -17.07 26.01 -8.69
N LEU B 101 -15.89 25.43 -8.93
CA LEU B 101 -14.63 25.90 -8.36
C LEU B 101 -13.63 26.08 -9.49
N VAL B 102 -13.01 27.26 -9.56
CA VAL B 102 -11.95 27.52 -10.53
C VAL B 102 -10.69 27.87 -9.76
N PHE B 103 -9.71 26.98 -9.81
CA PHE B 103 -8.42 27.22 -9.17
C PHE B 103 -7.46 27.70 -10.25
N GLU B 104 -7.46 29.01 -10.49
CA GLU B 104 -6.51 29.59 -11.43
C GLU B 104 -5.15 29.65 -10.77
N ALA B 105 -4.20 28.89 -11.31
CA ALA B 105 -2.84 28.86 -10.78
C ALA B 105 -2.13 30.16 -11.13
N PRO B 106 -1.19 30.63 -10.29
CA PRO B 106 -0.56 31.93 -10.51
C PRO B 106 0.47 31.98 -11.64
N ASN B 107 0.71 30.89 -12.38
CA ASN B 107 1.48 30.97 -13.61
C ASN B 107 0.60 31.27 -14.83
N GLN B 108 -0.71 31.47 -14.60
CA GLN B 108 -1.76 31.66 -15.62
C GLN B 108 -1.72 30.60 -16.73
N GLU B 109 -1.50 29.35 -16.35
CA GLU B 109 -1.60 28.28 -17.33
C GLU B 109 -2.47 27.12 -16.88
N LYS B 110 -2.40 26.74 -15.61
CA LYS B 110 -3.14 25.58 -15.12
C LYS B 110 -4.47 26.03 -14.52
N VAL B 111 -5.34 26.52 -15.40
CA VAL B 111 -6.69 26.90 -15.00
C VAL B 111 -7.49 25.62 -14.84
N SER B 112 -7.81 25.27 -13.60
CA SER B 112 -8.41 23.97 -13.28
C SER B 112 -9.84 24.20 -12.79
N ASP B 113 -10.79 24.10 -13.72
CA ASP B 113 -12.20 24.17 -13.38
C ASP B 113 -12.63 22.91 -12.62
N TYR B 114 -13.52 23.07 -11.67
CA TYR B 114 -14.08 21.95 -10.95
C TYR B 114 -15.57 22.18 -10.78
N GLU B 115 -16.30 21.08 -10.64
CA GLU B 115 -17.72 21.12 -10.32
C GLU B 115 -17.97 20.10 -9.22
N MET B 116 -19.07 20.27 -8.51
CA MET B 116 -19.28 19.49 -7.29
C MET B 116 -20.76 19.38 -6.98
N LYS B 117 -21.22 18.15 -6.80
CA LYS B 117 -22.62 17.90 -6.47
C LYS B 117 -22.88 18.21 -5.00
N LEU B 118 -24.00 18.87 -4.72
CA LEU B 118 -24.37 19.29 -3.38
C LEU B 118 -25.41 18.35 -2.79
N MET B 119 -25.31 18.12 -1.48
CA MET B 119 -26.25 17.29 -0.74
C MET B 119 -26.97 18.19 0.25
N ASP B 120 -28.13 18.71 -0.16
CA ASP B 120 -28.84 19.72 0.60
C ASP B 120 -29.55 19.10 1.81
N LEU B 121 -29.63 19.89 2.88
CA LEU B 121 -30.26 19.46 4.13
C LEU B 121 -30.70 20.71 4.88
N ASP B 122 -31.49 20.49 5.93
CA ASP B 122 -32.02 21.58 6.75
C ASP B 122 -31.37 21.53 8.13
N VAL B 123 -30.56 22.54 8.43
CA VAL B 123 -29.90 22.69 9.73
C VAL B 123 -30.38 24.01 10.31
N GLU B 124 -30.72 24.00 11.59
CA GLU B 124 -31.24 25.18 12.31
C GLU B 124 -30.10 26.17 12.53
N GLN B 125 -30.01 27.18 11.68
CA GLN B 125 -29.12 28.33 11.90
C GLN B 125 -29.85 29.52 12.52
N LEU B 126 -30.47 29.36 13.69
CA LEU B 126 -31.02 30.52 14.40
C LEU B 126 -30.59 30.61 15.85
N GLY B 127 -30.14 29.51 16.48
CA GLY B 127 -29.67 29.57 17.85
C GLY B 127 -28.19 29.89 17.92
N ILE B 128 -27.86 31.15 18.18
CA ILE B 128 -26.48 31.63 18.16
C ILE B 128 -26.09 32.13 19.56
N PRO B 129 -25.01 31.61 20.16
CA PRO B 129 -24.53 32.12 21.47
C PRO B 129 -23.52 33.27 21.45
N GLU B 130 -23.99 34.51 21.31
CA GLU B 130 -23.14 35.68 21.50
C GLU B 130 -23.65 36.49 22.68
N GLN B 131 -22.82 36.62 23.70
CA GLN B 131 -23.06 37.49 24.85
C GLN B 131 -21.70 37.87 25.42
N GLU B 132 -21.71 38.66 26.50
CA GLU B 132 -20.48 39.11 27.13
C GLU B 132 -19.78 37.95 27.84
N TYR B 133 -18.46 37.94 27.77
CA TYR B 133 -17.65 36.85 28.28
C TYR B 133 -16.79 37.36 29.43
N SER B 134 -16.39 36.44 30.31
CA SER B 134 -15.64 36.81 31.50
C SER B 134 -14.19 37.13 31.16
N CYS B 135 -13.46 36.16 30.62
CA CYS B 135 -12.05 36.33 30.30
C CYS B 135 -11.80 35.99 28.84
N VAL B 136 -11.04 36.84 28.17
CA VAL B 136 -10.60 36.60 26.81
C VAL B 136 -9.08 36.45 26.82
N VAL B 137 -8.59 35.43 26.12
CA VAL B 137 -7.18 35.08 26.08
C VAL B 137 -6.74 35.08 24.63
N LYS B 138 -5.93 36.07 24.24
CA LYS B 138 -5.33 36.09 22.92
C LYS B 138 -3.90 35.59 23.04
N MET B 139 -3.60 34.50 22.35
CA MET B 139 -2.31 33.82 22.51
C MET B 139 -2.04 33.04 21.22
N PRO B 140 -0.76 32.81 20.86
CA PRO B 140 -0.44 32.28 19.52
C PRO B 140 -0.94 30.87 19.23
N SER B 141 -1.23 30.64 17.94
CA SER B 141 -2.05 29.52 17.50
C SER B 141 -1.30 28.20 17.55
N GLY B 142 -0.04 28.19 17.10
CA GLY B 142 0.75 26.97 17.14
C GLY B 142 1.11 26.54 18.55
N GLU B 143 1.19 27.51 19.47
CA GLU B 143 1.34 27.20 20.89
C GLU B 143 0.09 26.53 21.45
N PHE B 144 -1.11 26.97 21.03
CA PHE B 144 -2.35 26.35 21.48
C PHE B 144 -2.51 24.95 20.90
N ALA B 145 -2.06 24.77 19.65
CA ALA B 145 -2.04 23.46 19.03
C ALA B 145 -1.08 22.53 19.74
N ARG B 146 0.06 23.06 20.20
CA ARG B 146 1.03 22.28 20.96
C ARG B 146 0.48 21.85 22.31
N ILE B 147 -0.20 22.77 23.03
CA ILE B 147 -0.79 22.48 24.34
C ILE B 147 -1.92 21.45 24.23
N CYS B 148 -2.80 21.61 23.23
CA CYS B 148 -3.88 20.63 23.05
C CYS B 148 -3.35 19.29 22.57
N ARG B 149 -2.28 19.30 21.75
CA ARG B 149 -1.71 18.06 21.25
C ARG B 149 -1.00 17.26 22.34
N ASP B 150 -0.26 17.92 23.24
CA ASP B 150 0.41 17.08 24.24
C ASP B 150 -0.45 16.84 25.47
N LEU B 151 -1.51 17.63 25.69
CA LEU B 151 -2.45 17.23 26.73
C LEU B 151 -3.40 16.16 26.24
N SER B 152 -3.56 15.99 24.93
CA SER B 152 -4.26 14.80 24.42
C SER B 152 -3.47 13.52 24.68
N HIS B 153 -2.14 13.63 24.80
CA HIS B 153 -1.32 12.48 25.18
C HIS B 153 -1.55 12.10 26.64
N ILE B 154 -1.84 13.07 27.51
CA ILE B 154 -2.01 12.78 28.93
C ILE B 154 -3.37 12.16 29.19
N GLY B 155 -4.44 12.90 28.88
CA GLY B 155 -5.79 12.42 29.12
C GLY B 155 -6.80 13.03 28.17
N ASP B 156 -8.08 12.82 28.44
CA ASP B 156 -9.12 13.35 27.58
C ASP B 156 -9.95 14.40 28.32
N ALA B 157 -9.28 15.24 29.10
CA ALA B 157 -9.94 16.31 29.84
C ALA B 157 -8.93 17.41 30.10
N VAL B 158 -9.21 18.62 29.65
CA VAL B 158 -8.40 19.79 29.97
C VAL B 158 -9.19 20.66 30.94
N VAL B 159 -8.54 21.10 32.00
CA VAL B 159 -9.16 21.95 33.01
C VAL B 159 -8.50 23.32 32.89
N ILE B 160 -9.17 24.23 32.21
CA ILE B 160 -8.61 25.55 31.91
C ILE B 160 -8.95 26.48 33.08
N SER B 161 -7.93 26.83 33.84
CA SER B 161 -8.05 27.78 34.94
C SER B 161 -7.36 29.08 34.56
N CYS B 162 -8.10 30.18 34.60
CA CYS B 162 -7.61 31.46 34.11
C CYS B 162 -7.57 32.47 35.24
N ALA B 163 -6.48 33.24 35.28
CA ALA B 163 -6.34 34.34 36.23
C ALA B 163 -5.67 35.51 35.52
N LYS B 164 -5.34 36.55 36.28
CA LYS B 164 -4.76 37.75 35.68
C LYS B 164 -3.31 37.54 35.28
N ASP B 165 -2.56 36.75 36.05
CA ASP B 165 -1.15 36.54 35.75
C ASP B 165 -0.91 35.52 34.64
N GLY B 166 -1.92 34.75 34.27
CA GLY B 166 -1.76 33.79 33.19
C GLY B 166 -2.88 32.77 33.21
N VAL B 167 -2.88 31.94 32.16
CA VAL B 167 -3.87 30.89 31.99
C VAL B 167 -3.18 29.55 32.26
N LYS B 168 -3.92 28.61 32.84
CA LYS B 168 -3.37 27.32 33.26
C LYS B 168 -4.17 26.20 32.62
N PHE B 169 -3.50 25.35 31.84
CA PHE B 169 -4.11 24.20 31.19
C PHE B 169 -3.77 22.96 32.02
N SER B 170 -4.74 22.47 32.77
CA SER B 170 -4.53 21.33 33.64
C SER B 170 -5.19 20.09 33.05
N ALA B 171 -4.45 18.99 32.98
CA ALA B 171 -5.00 17.73 32.48
C ALA B 171 -4.56 16.61 33.39
N SER B 172 -5.44 15.61 33.52
CA SER B 172 -5.15 14.44 34.33
C SER B 172 -5.61 13.20 33.58
N GLY B 173 -5.02 12.07 33.93
CA GLY B 173 -5.39 10.82 33.29
C GLY B 173 -4.79 9.64 34.01
N GLU B 174 -4.80 8.50 33.32
CA GLU B 174 -4.15 7.31 33.85
C GLU B 174 -2.63 7.46 33.80
N LEU B 175 -2.13 8.23 32.84
CA LEU B 175 -0.69 8.42 32.71
C LEU B 175 -0.14 9.32 33.81
N GLY B 176 -0.87 10.37 34.16
CA GLY B 176 -0.42 11.26 35.21
C GLY B 176 -1.19 12.57 35.20
N ASN B 177 -0.63 13.55 35.89
CA ASN B 177 -1.21 14.87 36.01
C ASN B 177 -0.35 15.87 35.24
N GLY B 178 -0.99 16.62 34.34
CA GLY B 178 -0.27 17.59 33.55
C GLY B 178 -0.84 18.99 33.63
N ASN B 179 -0.08 19.92 34.19
CA ASN B 179 -0.50 21.31 34.34
C ASN B 179 0.42 22.19 33.49
N ILE B 180 -0.12 22.77 32.43
CA ILE B 180 0.61 23.70 31.59
C ILE B 180 0.17 25.11 31.97
N LYS B 181 1.04 25.86 32.62
CA LYS B 181 0.72 27.19 33.12
C LYS B 181 1.38 28.24 32.23
N LEU B 182 0.57 29.04 31.57
CA LEU B 182 1.10 30.15 30.79
C LEU B 182 1.16 31.41 31.66
N SER B 183 1.83 32.43 31.13
CA SER B 183 1.95 33.71 31.82
C SER B 183 1.60 34.83 30.86
N GLN B 184 1.03 35.90 31.42
CA GLN B 184 0.62 37.05 30.62
C GLN B 184 1.85 37.89 30.29
N THR B 185 2.23 37.89 29.02
CA THR B 185 3.30 38.73 28.50
C THR B 185 2.71 39.74 27.53
N SER B 186 3.09 41.01 27.67
CA SER B 186 2.58 42.04 26.78
C SER B 186 3.15 41.89 25.38
N ASN B 187 4.49 41.75 25.29
CA ASN B 187 5.27 41.42 24.09
C ASN B 187 5.04 42.44 22.97
N VAL B 188 5.51 43.66 23.24
CA VAL B 188 5.41 44.74 22.25
C VAL B 188 6.37 44.47 21.09
N ASP B 189 5.91 44.76 19.88
CA ASP B 189 6.58 44.57 18.58
C ASP B 189 6.97 43.11 18.31
N LYS B 190 6.25 42.16 18.90
CA LYS B 190 6.56 40.74 18.77
C LYS B 190 5.27 39.95 18.89
N GLU B 191 4.90 39.23 17.83
CA GLU B 191 3.69 38.43 17.84
C GLU B 191 3.97 36.94 17.95
N GLU B 192 5.22 36.56 18.26
CA GLU B 192 5.54 35.14 18.42
C GLU B 192 5.08 34.60 19.76
N GLU B 193 4.97 35.46 20.78
CA GLU B 193 4.59 35.03 22.14
C GLU B 193 3.63 36.04 22.75
N ALA B 194 2.73 36.58 21.94
CA ALA B 194 1.79 37.59 22.41
C ALA B 194 0.66 36.89 23.17
N VAL B 195 0.91 36.65 24.45
CA VAL B 195 -0.05 35.96 25.33
C VAL B 195 -0.67 37.03 26.21
N THR B 196 -1.79 37.58 25.76
CA THR B 196 -2.50 38.64 26.48
C THR B 196 -3.79 38.08 27.06
N ILE B 197 -4.01 38.33 28.35
CA ILE B 197 -5.18 37.83 29.06
C ILE B 197 -5.91 39.01 29.67
N GLU B 198 -7.16 39.20 29.28
CA GLU B 198 -8.03 40.23 29.83
C GLU B 198 -9.08 39.53 30.68
N MET B 199 -8.76 39.33 31.96
CA MET B 199 -9.51 38.47 32.85
C MET B 199 -10.34 39.32 33.79
N ASN B 200 -11.60 38.93 33.99
CA ASN B 200 -12.51 39.58 34.91
C ASN B 200 -13.03 38.65 36.01
N GLU B 201 -13.40 37.41 35.66
CA GLU B 201 -13.88 36.43 36.64
C GLU B 201 -13.13 35.12 36.42
N PRO B 202 -12.54 34.54 37.46
CA PRO B 202 -11.87 33.24 37.31
C PRO B 202 -12.88 32.11 37.15
N VAL B 203 -12.42 31.05 36.47
CA VAL B 203 -13.28 29.90 36.19
C VAL B 203 -12.39 28.66 36.11
N GLN B 204 -12.95 27.52 36.49
CA GLN B 204 -12.23 26.24 36.51
C GLN B 204 -13.21 25.16 36.07
N LEU B 205 -13.03 24.64 34.85
CA LEU B 205 -14.02 23.76 34.26
C LEU B 205 -13.36 22.86 33.22
N THR B 206 -14.03 21.75 32.93
CA THR B 206 -13.43 20.64 32.18
C THR B 206 -14.01 20.57 30.77
N PHE B 207 -13.18 20.11 29.83
CA PHE B 207 -13.55 19.94 28.43
C PHE B 207 -13.18 18.54 27.94
N ALA B 208 -13.26 18.34 26.63
CA ALA B 208 -12.87 17.10 26.00
C ALA B 208 -11.83 17.40 24.92
N LEU B 209 -10.62 16.84 25.10
CA LEU B 209 -9.47 17.20 24.28
C LEU B 209 -9.50 16.62 22.88
N ARG B 210 -10.41 15.68 22.59
CA ARG B 210 -10.62 15.26 21.21
C ARG B 210 -11.19 16.40 20.37
N TYR B 211 -12.16 17.13 20.92
CA TYR B 211 -12.69 18.29 20.24
C TYR B 211 -11.71 19.46 20.27
N LEU B 212 -10.82 19.53 21.27
CA LEU B 212 -9.75 20.52 21.22
C LEU B 212 -8.73 20.20 20.13
N ASN B 213 -8.46 18.91 19.87
CA ASN B 213 -7.59 18.53 18.76
C ASN B 213 -8.24 18.85 17.42
N PHE B 214 -9.56 18.61 17.32
CA PHE B 214 -10.33 18.98 16.14
C PHE B 214 -10.37 20.49 15.95
N PHE B 215 -10.34 21.26 17.05
CA PHE B 215 -10.30 22.71 16.96
C PHE B 215 -8.93 23.21 16.54
N THR B 216 -7.87 22.59 17.08
CA THR B 216 -6.50 23.02 16.81
C THR B 216 -5.92 22.44 15.54
N LYS B 217 -6.71 21.69 14.77
CA LYS B 217 -6.32 21.47 13.38
C LYS B 217 -6.60 22.66 12.45
N ALA B 218 -7.15 23.77 12.96
CA ALA B 218 -7.39 24.98 12.20
C ALA B 218 -6.22 25.96 12.21
N THR B 219 -5.20 25.70 13.01
CA THR B 219 -4.09 26.61 13.30
C THR B 219 -3.19 27.14 12.17
N PRO B 220 -3.06 26.55 10.98
CA PRO B 220 -2.37 27.28 9.90
C PRO B 220 -3.12 28.47 9.31
N LEU B 221 -4.37 28.73 9.69
CA LEU B 221 -5.08 29.92 9.26
C LEU B 221 -4.50 31.20 9.87
N SER B 222 -4.54 31.29 11.19
CA SER B 222 -4.13 32.49 11.90
C SER B 222 -2.88 32.23 12.72
N SER B 223 -2.21 33.31 13.11
CA SER B 223 -1.07 33.22 13.99
C SER B 223 -1.44 33.37 15.46
N THR B 224 -2.71 33.65 15.76
CA THR B 224 -3.18 33.84 17.12
C THR B 224 -4.50 33.11 17.32
N VAL B 225 -4.76 32.75 18.58
CA VAL B 225 -6.02 32.13 18.99
C VAL B 225 -6.66 33.06 20.02
N THR B 226 -7.90 33.46 19.75
CA THR B 226 -8.66 34.30 20.68
C THR B 226 -9.53 33.40 21.54
N LEU B 227 -8.91 32.82 22.56
CA LEU B 227 -9.62 31.98 23.51
C LEU B 227 -10.53 32.83 24.38
N SER B 228 -11.74 32.33 24.66
CA SER B 228 -12.71 33.10 25.43
C SER B 228 -13.68 32.15 26.13
N MET B 229 -13.90 32.39 27.41
CA MET B 229 -14.78 31.54 28.21
C MET B 229 -15.35 32.35 29.36
N SER B 230 -16.39 31.80 29.98
CA SER B 230 -17.03 32.43 31.14
C SER B 230 -17.57 31.33 32.05
N ALA B 231 -18.27 31.75 33.10
CA ALA B 231 -18.73 30.81 34.13
C ALA B 231 -19.96 30.05 33.67
N ASP B 232 -19.79 28.74 33.43
CA ASP B 232 -20.76 27.79 32.89
C ASP B 232 -21.30 28.32 31.56
N VAL B 233 -20.40 28.80 30.71
CA VAL B 233 -20.70 29.29 29.38
C VAL B 233 -19.81 28.48 28.46
N PRO B 234 -20.29 28.05 27.26
CA PRO B 234 -19.41 27.41 26.27
C PRO B 234 -18.22 28.25 25.84
N LEU B 235 -17.05 27.63 25.81
CA LEU B 235 -15.82 28.30 25.40
C LEU B 235 -15.80 28.58 23.92
N VAL B 236 -15.16 29.69 23.54
CA VAL B 236 -15.03 30.12 22.16
C VAL B 236 -13.56 30.07 21.76
N VAL B 237 -13.26 29.39 20.66
CA VAL B 237 -11.95 29.46 20.02
C VAL B 237 -12.14 30.23 18.72
N GLU B 238 -11.67 31.46 18.67
CA GLU B 238 -11.84 32.33 17.51
C GLU B 238 -10.54 32.36 16.74
N TYR B 239 -10.57 31.93 15.49
CA TYR B 239 -9.43 32.01 14.58
C TYR B 239 -9.66 33.22 13.69
N LYS B 240 -9.04 34.34 14.06
CA LYS B 240 -9.22 35.59 13.33
C LYS B 240 -8.36 35.55 12.08
N ILE B 241 -8.99 35.34 10.93
CA ILE B 241 -8.30 35.48 9.65
C ILE B 241 -8.06 36.96 9.39
N ALA B 242 -6.91 37.29 8.80
CA ALA B 242 -6.51 38.68 8.60
C ALA B 242 -7.35 39.31 7.50
N ASP B 243 -8.20 40.28 7.89
CA ASP B 243 -9.19 41.07 7.14
C ASP B 243 -9.98 40.30 6.08
N MET B 244 -10.33 39.05 6.40
CA MET B 244 -10.92 38.14 5.41
C MET B 244 -12.14 37.51 6.04
N GLY B 245 -12.11 37.36 7.37
CA GLY B 245 -13.21 36.77 8.10
C GLY B 245 -12.71 36.27 9.45
N HIS B 246 -13.54 35.42 10.06
CA HIS B 246 -13.13 34.77 11.30
C HIS B 246 -13.80 33.41 11.40
N LEU B 247 -13.07 32.45 11.96
CA LEU B 247 -13.58 31.11 12.21
C LEU B 247 -13.67 30.92 13.72
N LYS B 248 -14.89 30.80 14.22
CA LYS B 248 -15.13 30.65 15.65
C LYS B 248 -15.60 29.23 15.95
N TYR B 249 -14.96 28.59 16.92
CA TYR B 249 -15.31 27.26 17.37
C TYR B 249 -15.89 27.36 18.77
N TYR B 250 -17.09 26.82 18.97
CA TYR B 250 -17.74 26.80 20.27
C TYR B 250 -17.70 25.39 20.82
N LEU B 251 -17.47 25.26 22.13
CA LEU B 251 -17.45 23.96 22.78
C LEU B 251 -18.23 24.06 24.09
N ALA B 252 -19.32 23.32 24.19
CA ALA B 252 -20.03 23.21 25.45
C ALA B 252 -19.26 22.29 26.40
N PRO B 253 -18.96 22.74 27.63
CA PRO B 253 -18.21 21.90 28.57
C PRO B 253 -19.00 20.76 29.18
N LYS B 254 -18.40 20.07 30.15
CA LYS B 254 -19.10 19.02 30.90
C LYS B 254 -20.18 19.63 31.80
N PHE C 2 29.12 -8.52 -17.92
CA PHE C 2 28.34 -7.30 -17.72
C PHE C 2 28.89 -6.49 -16.55
N GLU C 3 29.26 -5.24 -16.84
CA GLU C 3 29.75 -4.31 -15.82
C GLU C 3 29.41 -2.92 -16.27
N ALA C 4 28.59 -2.21 -15.48
CA ALA C 4 28.01 -0.93 -15.87
C ALA C 4 28.17 0.07 -14.72
N ARG C 5 29.29 0.79 -14.70
CA ARG C 5 29.51 1.82 -13.70
C ARG C 5 28.69 3.05 -14.04
N LEU C 6 27.99 3.58 -13.05
CA LEU C 6 27.05 4.67 -13.23
C LEU C 6 27.64 5.95 -12.63
N VAL C 7 27.52 7.06 -13.35
CA VAL C 7 28.16 8.30 -12.92
C VAL C 7 27.43 8.92 -11.72
N GLN C 8 26.12 8.74 -11.62
CA GLN C 8 25.42 8.86 -10.35
C GLN C 8 24.28 7.86 -10.32
N GLY C 9 24.18 7.12 -9.21
CA GLY C 9 23.25 6.02 -9.11
C GLY C 9 21.86 6.40 -8.65
N SER C 10 21.63 7.70 -8.41
CA SER C 10 20.31 8.15 -8.03
C SER C 10 19.32 8.05 -9.19
N ILE C 11 19.82 8.09 -10.44
CA ILE C 11 18.97 7.95 -11.62
C ILE C 11 18.35 6.56 -11.67
N LEU C 12 19.16 5.51 -11.51
CA LEU C 12 18.64 4.16 -11.52
C LEU C 12 17.93 3.81 -10.21
N LYS C 13 18.25 4.51 -9.12
CA LYS C 13 17.45 4.42 -7.91
C LYS C 13 16.04 4.96 -8.13
N LYS C 14 15.91 6.07 -8.86
CA LYS C 14 14.60 6.63 -9.20
C LYS C 14 13.86 5.76 -10.20
N VAL C 15 14.60 5.08 -11.09
CA VAL C 15 14.02 4.07 -11.98
C VAL C 15 13.40 2.92 -11.20
N LEU C 16 14.11 2.39 -10.19
CA LEU C 16 13.52 1.31 -9.39
C LEU C 16 12.40 1.79 -8.47
N GLU C 17 12.45 3.05 -8.00
CA GLU C 17 11.32 3.62 -7.27
C GLU C 17 10.11 3.82 -8.19
N ALA C 18 10.35 4.05 -9.48
CA ALA C 18 9.25 4.10 -10.44
C ALA C 18 8.68 2.72 -10.72
N LEU C 19 9.54 1.73 -10.90
CA LEU C 19 9.11 0.40 -11.34
C LEU C 19 8.62 -0.48 -10.21
N LYS C 20 8.84 -0.12 -8.96
CA LYS C 20 8.42 -0.98 -7.85
C LYS C 20 6.91 -1.02 -7.63
N ASP C 21 6.17 -0.05 -8.16
CA ASP C 21 4.74 0.04 -7.91
C ASP C 21 3.90 -0.52 -9.04
N LEU C 22 4.49 -0.80 -10.19
CA LEU C 22 3.74 -1.27 -11.34
C LEU C 22 4.16 -2.68 -11.76
N ILE C 23 5.46 -2.98 -11.72
CA ILE C 23 5.99 -4.27 -12.13
C ILE C 23 6.57 -4.96 -10.91
N ASN C 24 6.19 -6.21 -10.70
CA ASN C 24 6.88 -7.05 -9.72
C ASN C 24 7.93 -7.95 -10.35
N GLU C 25 7.70 -8.43 -11.58
CA GLU C 25 8.59 -9.37 -12.25
C GLU C 25 8.84 -8.89 -13.67
N ALA C 26 10.11 -8.66 -14.02
CA ALA C 26 10.48 -8.35 -15.40
C ALA C 26 11.92 -8.77 -15.65
N CYS C 27 12.26 -8.87 -16.93
CA CYS C 27 13.61 -9.18 -17.37
C CYS C 27 14.26 -7.94 -17.97
N TRP C 28 15.58 -7.86 -17.83
CA TRP C 28 16.36 -6.73 -18.30
C TRP C 28 17.09 -7.13 -19.57
N ASP C 29 16.67 -6.58 -20.71
CA ASP C 29 17.31 -6.87 -22.00
C ASP C 29 18.64 -6.13 -22.06
N ILE C 30 19.65 -6.74 -21.46
CA ILE C 30 20.97 -6.13 -21.39
C ILE C 30 21.80 -6.64 -22.55
N SER C 31 22.18 -5.74 -23.44
CA SER C 31 22.97 -6.06 -24.63
C SER C 31 24.23 -5.23 -24.62
N SER C 32 24.98 -5.30 -25.72
CA SER C 32 26.16 -4.46 -25.87
C SER C 32 25.80 -3.02 -26.23
N SER C 33 24.59 -2.77 -26.73
CA SER C 33 24.14 -1.43 -27.07
C SER C 33 23.50 -0.71 -25.89
N GLY C 34 23.27 -1.40 -24.77
CA GLY C 34 22.73 -0.76 -23.60
C GLY C 34 21.69 -1.56 -22.85
N VAL C 35 21.30 -1.09 -21.66
CA VAL C 35 20.36 -1.79 -20.80
C VAL C 35 18.94 -1.42 -21.24
N ASN C 36 18.13 -2.43 -21.55
CA ASN C 36 16.75 -2.22 -21.96
C ASN C 36 15.83 -3.04 -21.05
N LEU C 37 14.61 -2.53 -20.87
CA LEU C 37 13.54 -3.30 -20.24
C LEU C 37 12.26 -2.95 -20.97
N GLN C 38 11.47 -3.97 -21.31
CA GLN C 38 10.26 -3.75 -22.07
C GLN C 38 9.27 -4.84 -21.66
N SER C 39 8.45 -4.53 -20.66
CA SER C 39 7.60 -5.53 -20.04
C SER C 39 6.24 -4.92 -19.72
N MET C 40 5.26 -5.79 -19.55
CA MET C 40 3.87 -5.38 -19.46
C MET C 40 3.50 -5.18 -17.99
N ASP C 41 2.22 -4.94 -17.72
CA ASP C 41 1.71 -4.82 -16.36
C ASP C 41 1.32 -6.19 -15.83
N SER C 42 1.15 -6.26 -14.51
CA SER C 42 0.48 -7.41 -13.90
C SER C 42 -1.00 -7.44 -14.27
N SER C 43 -1.61 -6.26 -14.39
CA SER C 43 -2.99 -6.14 -14.84
C SER C 43 -3.13 -6.13 -16.34
N HIS C 44 -2.01 -6.19 -17.08
CA HIS C 44 -1.93 -6.26 -18.54
C HIS C 44 -2.58 -5.07 -19.23
N VAL C 45 -2.46 -3.89 -18.62
CA VAL C 45 -2.95 -2.65 -19.21
C VAL C 45 -1.80 -1.81 -19.75
N SER C 46 -0.71 -1.74 -19.01
CA SER C 46 0.37 -0.80 -19.27
C SER C 46 1.68 -1.53 -19.56
N LEU C 47 2.46 -0.99 -20.50
CA LEU C 47 3.79 -1.48 -20.80
C LEU C 47 4.80 -0.40 -20.49
N VAL C 48 5.96 -0.81 -19.98
CA VAL C 48 7.03 0.10 -19.62
C VAL C 48 8.20 -0.20 -20.53
N GLN C 49 8.47 0.70 -21.47
CA GLN C 49 9.70 0.59 -22.25
C GLN C 49 10.78 1.41 -21.57
N LEU C 50 11.91 0.75 -21.30
CA LEU C 50 13.06 1.37 -20.66
C LEU C 50 14.23 1.27 -21.61
N THR C 51 15.02 2.34 -21.69
CA THR C 51 16.20 2.34 -22.54
C THR C 51 17.27 3.13 -21.82
N LEU C 52 18.45 2.55 -21.68
CA LEU C 52 19.62 3.23 -21.15
C LEU C 52 20.77 2.86 -22.06
N ARG C 53 21.18 3.76 -22.95
CA ARG C 53 22.30 3.45 -23.83
C ARG C 53 23.63 3.46 -23.10
N SER C 54 24.66 3.05 -23.84
CA SER C 54 26.03 2.96 -23.36
C SER C 54 26.69 4.32 -23.15
N GLU C 55 26.15 5.37 -23.73
CA GLU C 55 26.74 6.70 -23.74
C GLU C 55 26.58 7.45 -22.43
N GLY C 56 25.77 6.94 -21.50
CA GLY C 56 25.57 7.60 -20.23
C GLY C 56 26.30 6.96 -19.07
N PHE C 57 26.61 5.68 -19.19
CA PHE C 57 27.38 4.99 -18.18
C PHE C 57 28.85 5.46 -18.21
N ASP C 58 29.54 5.27 -17.09
CA ASP C 58 30.96 5.61 -17.03
C ASP C 58 31.78 4.62 -17.83
N THR C 59 31.51 3.33 -17.64
CA THR C 59 32.05 2.28 -18.50
C THR C 59 30.96 1.25 -18.74
N TYR C 60 31.11 0.52 -19.84
CA TYR C 60 30.10 -0.46 -20.23
C TYR C 60 30.78 -1.56 -21.04
N ARG C 61 30.85 -2.76 -20.47
CA ARG C 61 31.23 -3.94 -21.22
C ARG C 61 30.11 -4.95 -21.12
N CYS C 62 29.80 -5.58 -22.26
CA CYS C 62 28.75 -6.60 -22.31
C CYS C 62 29.10 -7.53 -23.47
N ASP C 63 29.55 -8.74 -23.15
CA ASP C 63 29.99 -9.66 -24.19
C ASP C 63 28.80 -10.29 -24.93
N ARG C 64 27.75 -10.66 -24.20
CA ARG C 64 26.60 -11.32 -24.80
C ARG C 64 25.31 -10.62 -24.41
N ASN C 65 24.30 -10.74 -25.27
CA ASN C 65 22.98 -10.16 -25.02
C ASN C 65 22.26 -11.03 -24.01
N LEU C 66 22.54 -10.77 -22.74
CA LEU C 66 22.09 -11.63 -21.64
C LEU C 66 21.00 -10.94 -20.84
N ALA C 67 19.98 -11.70 -20.46
CA ALA C 67 18.83 -11.17 -19.73
C ALA C 67 18.60 -12.01 -18.48
N MET C 68 18.38 -11.35 -17.35
CA MET C 68 18.08 -12.03 -16.11
C MET C 68 16.70 -11.62 -15.61
N GLY C 69 16.02 -12.56 -14.96
CA GLY C 69 14.69 -12.31 -14.42
C GLY C 69 14.75 -11.75 -13.01
N VAL C 70 14.42 -10.47 -12.87
CA VAL C 70 14.68 -9.72 -11.64
C VAL C 70 13.36 -9.44 -10.94
N ASN C 71 13.29 -9.79 -9.65
CA ASN C 71 12.23 -9.28 -8.80
C ASN C 71 12.44 -7.78 -8.59
N LEU C 72 11.48 -6.98 -9.05
CA LEU C 72 11.65 -5.52 -9.01
C LEU C 72 11.45 -4.97 -7.61
N THR C 73 10.70 -5.68 -6.76
CA THR C 73 10.60 -5.28 -5.36
C THR C 73 11.91 -5.53 -4.63
N SER C 74 12.57 -6.65 -4.94
CA SER C 74 13.85 -6.97 -4.33
C SER C 74 14.95 -6.04 -4.81
N MET C 75 14.95 -5.71 -6.12
CA MET C 75 15.95 -4.78 -6.63
C MET C 75 15.63 -3.36 -6.19
N SER C 76 14.36 -3.05 -5.92
CA SER C 76 14.00 -1.76 -5.35
C SER C 76 14.47 -1.64 -3.91
N LYS C 77 14.38 -2.72 -3.14
CA LYS C 77 14.87 -2.71 -1.76
C LYS C 77 16.40 -2.67 -1.73
N ILE C 78 17.07 -3.27 -2.72
CA ILE C 78 18.51 -3.17 -2.80
C ILE C 78 18.95 -1.79 -3.31
N LEU C 79 18.20 -1.17 -4.23
CA LEU C 79 18.49 0.20 -4.64
C LEU C 79 18.06 1.23 -3.60
N LYS C 80 17.26 0.87 -2.61
CA LYS C 80 17.02 1.74 -1.46
C LYS C 80 18.23 1.82 -0.54
N CYS C 81 19.19 0.89 -0.66
CA CYS C 81 20.33 0.85 0.24
C CYS C 81 21.31 1.97 -0.09
N ALA C 82 21.38 2.36 -1.36
CA ALA C 82 22.33 3.35 -1.83
C ALA C 82 21.89 4.76 -1.46
N GLY C 83 22.82 5.70 -1.58
CA GLY C 83 22.57 7.09 -1.31
C GLY C 83 22.04 7.82 -2.53
N ASN C 84 22.32 9.11 -2.58
CA ASN C 84 21.90 9.95 -3.70
C ASN C 84 23.05 10.46 -4.55
N GLU C 85 24.26 10.56 -3.99
CA GLU C 85 25.46 10.82 -4.76
C GLU C 85 26.29 9.55 -4.96
N ASP C 86 25.62 8.41 -4.97
CA ASP C 86 26.27 7.10 -4.93
C ASP C 86 26.62 6.63 -6.33
N ILE C 87 27.73 5.89 -6.44
CA ILE C 87 28.22 5.37 -7.71
C ILE C 87 27.99 3.87 -7.72
N ILE C 88 27.22 3.39 -8.71
CA ILE C 88 26.72 2.03 -8.75
C ILE C 88 27.30 1.32 -9.97
N THR C 89 27.88 0.14 -9.75
CA THR C 89 28.27 -0.74 -10.85
C THR C 89 27.41 -1.98 -10.79
N LEU C 90 26.58 -2.18 -11.82
CA LEU C 90 25.79 -3.40 -11.93
C LEU C 90 26.67 -4.47 -12.57
N ARG C 91 26.98 -5.52 -11.83
CA ARG C 91 27.92 -6.53 -12.27
C ARG C 91 27.22 -7.87 -12.40
N ALA C 92 27.42 -8.53 -13.54
CA ALA C 92 26.91 -9.88 -13.76
C ALA C 92 27.92 -10.61 -14.63
N GLU C 93 28.55 -11.64 -14.09
CA GLU C 93 29.61 -12.35 -14.77
C GLU C 93 29.04 -13.50 -15.60
N ASP C 94 29.90 -14.41 -16.04
CA ASP C 94 29.47 -15.52 -16.87
C ASP C 94 28.69 -16.55 -16.04
N ASN C 95 27.50 -16.89 -16.53
CA ASN C 95 26.46 -17.69 -15.86
C ASN C 95 26.15 -17.13 -14.47
N ALA C 96 25.65 -15.89 -14.48
CA ALA C 96 25.38 -15.16 -13.24
C ALA C 96 24.03 -15.60 -12.68
N ASP C 97 24.07 -16.45 -11.66
CA ASP C 97 22.86 -16.74 -10.90
C ASP C 97 22.44 -15.56 -10.04
N THR C 98 23.41 -14.76 -9.60
CA THR C 98 23.14 -13.59 -8.77
C THR C 98 23.64 -12.34 -9.48
N LEU C 99 22.79 -11.31 -9.54
CA LEU C 99 23.20 -10.02 -10.05
C LEU C 99 23.89 -9.25 -8.93
N ALA C 100 25.12 -8.80 -9.19
CA ALA C 100 25.94 -8.16 -8.17
C ALA C 100 25.95 -6.65 -8.36
N LEU C 101 25.86 -5.92 -7.25
CA LEU C 101 25.93 -4.47 -7.25
C LEU C 101 26.89 -4.03 -6.15
N VAL C 102 27.68 -2.99 -6.42
CA VAL C 102 28.32 -2.25 -5.35
C VAL C 102 27.82 -0.83 -5.43
N PHE C 103 27.79 -0.15 -4.29
CA PHE C 103 27.41 1.26 -4.21
C PHE C 103 28.61 1.98 -3.63
N GLU C 104 29.55 2.37 -4.50
CA GLU C 104 30.76 3.06 -4.04
C GLU C 104 30.41 4.50 -3.70
N ALA C 105 30.54 4.84 -2.43
CA ALA C 105 30.33 6.21 -1.98
C ALA C 105 31.45 7.10 -2.52
N PRO C 106 31.14 8.36 -2.89
CA PRO C 106 32.14 9.18 -3.62
C PRO C 106 33.31 9.68 -2.76
N ASN C 107 33.24 9.56 -1.44
CA ASN C 107 34.38 9.88 -0.59
C ASN C 107 35.32 8.70 -0.38
N GLN C 108 35.00 7.55 -1.00
CA GLN C 108 35.69 6.26 -0.88
C GLN C 108 35.82 5.81 0.58
N GLU C 109 34.68 5.86 1.26
CA GLU C 109 34.60 5.45 2.66
C GLU C 109 33.67 4.27 2.89
N LYS C 110 32.61 4.13 2.11
CA LYS C 110 31.64 3.06 2.30
C LYS C 110 31.40 2.39 0.95
N VAL C 111 32.04 1.24 0.74
CA VAL C 111 31.81 0.40 -0.43
C VAL C 111 30.92 -0.74 0.00
N SER C 112 29.73 -0.83 -0.58
CA SER C 112 28.70 -1.74 -0.11
C SER C 112 28.35 -2.74 -1.21
N ASP C 113 28.95 -3.92 -1.13
CA ASP C 113 28.67 -4.99 -2.09
C ASP C 113 27.30 -5.60 -1.84
N TYR C 114 26.57 -5.88 -2.90
CA TYR C 114 25.24 -6.49 -2.82
C TYR C 114 25.08 -7.45 -3.99
N GLU C 115 24.92 -8.74 -3.70
CA GLU C 115 24.53 -9.69 -4.73
C GLU C 115 23.08 -10.08 -4.51
N MET C 116 22.33 -10.18 -5.60
CA MET C 116 20.88 -10.36 -5.57
C MET C 116 20.50 -11.66 -6.25
N LYS C 117 19.98 -12.61 -5.47
CA LYS C 117 19.48 -13.86 -6.06
C LYS C 117 18.20 -13.60 -6.83
N LEU C 118 18.07 -14.29 -7.96
CA LEU C 118 17.04 -13.98 -8.93
C LEU C 118 16.49 -15.28 -9.52
N MET C 119 15.32 -15.17 -10.15
CA MET C 119 14.61 -16.33 -10.67
C MET C 119 14.52 -16.29 -12.19
N ASP C 120 14.11 -17.42 -12.76
CA ASP C 120 13.80 -17.49 -14.18
C ASP C 120 12.37 -17.02 -14.41
N LEU C 121 12.18 -16.27 -15.48
CA LEU C 121 10.89 -15.66 -15.80
C LEU C 121 10.43 -16.06 -17.19
N ASP C 122 9.22 -15.62 -17.53
CA ASP C 122 8.67 -15.76 -18.88
C ASP C 122 7.73 -14.56 -19.08
N VAL C 123 8.28 -13.50 -19.67
CA VAL C 123 7.56 -12.24 -19.84
C VAL C 123 7.41 -11.99 -21.34
N GLU C 124 6.17 -11.78 -21.78
CA GLU C 124 5.90 -11.50 -23.18
C GLU C 124 6.30 -10.07 -23.53
N GLN C 125 7.03 -9.91 -24.62
CA GLN C 125 7.50 -8.62 -25.08
C GLN C 125 6.72 -8.24 -26.34
N LEU C 126 6.00 -7.12 -26.27
CA LEU C 126 5.19 -6.69 -27.40
C LEU C 126 6.04 -5.92 -28.40
N GLY C 127 5.89 -6.25 -29.67
CA GLY C 127 6.56 -5.51 -30.72
C GLY C 127 5.87 -4.19 -31.02
N ILE C 128 6.53 -3.10 -30.67
CA ILE C 128 5.94 -1.77 -30.81
C ILE C 128 6.57 -1.06 -32.01
N PRO C 129 5.80 -0.28 -32.78
CA PRO C 129 6.37 0.46 -33.89
C PRO C 129 6.75 1.88 -33.47
N GLU C 130 7.50 2.54 -34.35
CA GLU C 130 7.84 3.95 -34.18
C GLU C 130 6.81 4.80 -34.91
N GLN C 131 5.63 4.89 -34.30
CA GLN C 131 4.49 5.57 -34.89
C GLN C 131 4.67 7.08 -34.84
N GLU C 132 4.37 7.75 -35.94
CA GLU C 132 4.33 9.21 -35.97
C GLU C 132 3.10 9.66 -35.20
N TYR C 133 3.31 10.10 -33.96
CA TYR C 133 2.19 10.42 -33.09
C TYR C 133 1.59 11.77 -33.44
N SER C 134 0.26 11.86 -33.34
CA SER C 134 -0.45 13.04 -33.79
C SER C 134 -0.29 14.21 -32.82
N CYS C 135 -0.76 14.04 -31.60
CA CYS C 135 -0.70 15.10 -30.59
C CYS C 135 0.38 14.73 -29.57
N VAL C 136 1.51 15.42 -29.66
CA VAL C 136 2.64 15.21 -28.77
C VAL C 136 2.67 16.37 -27.79
N VAL C 137 2.39 16.09 -26.52
CA VAL C 137 2.25 17.13 -25.50
C VAL C 137 3.42 17.05 -24.55
N LYS C 138 4.21 18.11 -24.47
CA LYS C 138 5.25 18.25 -23.48
C LYS C 138 4.72 19.11 -22.33
N MET C 139 5.10 18.77 -21.10
CA MET C 139 4.68 19.53 -19.92
C MET C 139 5.72 19.32 -18.83
N PRO C 140 5.70 20.13 -17.76
CA PRO C 140 6.48 19.78 -16.57
C PRO C 140 6.02 18.48 -15.93
N SER C 141 6.97 17.78 -15.32
CA SER C 141 6.70 16.45 -14.80
C SER C 141 5.99 16.52 -13.46
N GLY C 142 6.38 17.47 -12.61
CA GLY C 142 5.69 17.69 -11.35
C GLY C 142 4.28 18.21 -11.54
N GLU C 143 4.08 19.01 -12.60
CA GLU C 143 2.74 19.47 -12.97
C GLU C 143 1.85 18.31 -13.41
N PHE C 144 2.40 17.36 -14.19
CA PHE C 144 1.63 16.21 -14.64
C PHE C 144 1.31 15.25 -13.49
N ALA C 145 2.27 15.07 -12.59
CA ALA C 145 2.04 14.26 -11.39
C ALA C 145 1.01 14.91 -10.47
N ARG C 146 1.03 16.24 -10.38
CA ARG C 146 0.02 16.99 -9.65
C ARG C 146 -1.35 16.85 -10.28
N ILE C 147 -1.43 16.89 -11.61
CA ILE C 147 -2.70 16.78 -12.33
C ILE C 147 -3.33 15.41 -12.16
N CYS C 148 -2.50 14.35 -12.29
CA CYS C 148 -3.00 12.98 -12.11
C CYS C 148 -3.38 12.69 -10.66
N ARG C 149 -2.58 13.19 -9.70
CA ARG C 149 -2.88 12.95 -8.28
C ARG C 149 -4.08 13.75 -7.81
N ASP C 150 -4.33 14.93 -8.39
CA ASP C 150 -5.54 15.67 -8.05
C ASP C 150 -6.78 15.05 -8.69
N LEU C 151 -6.68 14.64 -9.96
CA LEU C 151 -7.85 14.07 -10.62
C LEU C 151 -8.18 12.65 -10.16
N SER C 152 -7.23 11.96 -9.52
CA SER C 152 -7.54 10.63 -8.99
C SER C 152 -8.38 10.68 -7.71
N HIS C 153 -8.52 11.86 -7.09
CA HIS C 153 -9.40 11.99 -5.94
C HIS C 153 -10.87 11.89 -6.36
N ILE C 154 -11.20 12.40 -7.54
CA ILE C 154 -12.60 12.44 -7.97
C ILE C 154 -13.04 11.08 -8.51
N GLY C 155 -12.40 10.62 -9.59
CA GLY C 155 -12.82 9.41 -10.24
C GLY C 155 -11.63 8.64 -10.80
N ASP C 156 -11.93 7.42 -11.26
CA ASP C 156 -10.90 6.53 -11.75
C ASP C 156 -10.49 6.81 -13.19
N ALA C 157 -11.23 7.65 -13.91
CA ALA C 157 -11.00 7.86 -15.33
C ALA C 157 -10.69 9.31 -15.62
N VAL C 158 -9.58 9.54 -16.31
CA VAL C 158 -9.27 10.86 -16.86
C VAL C 158 -9.79 10.86 -18.30
N VAL C 159 -10.20 12.02 -18.78
CA VAL C 159 -10.59 12.21 -20.17
C VAL C 159 -9.63 13.26 -20.73
N ILE C 160 -8.52 12.80 -21.31
CA ILE C 160 -7.51 13.72 -21.82
C ILE C 160 -7.96 14.20 -23.20
N SER C 161 -8.41 15.44 -23.26
CA SER C 161 -8.85 16.06 -24.51
C SER C 161 -7.84 17.12 -24.90
N CYS C 162 -7.58 17.23 -26.20
CA CYS C 162 -6.61 18.19 -26.71
C CYS C 162 -7.26 19.06 -27.77
N ALA C 163 -7.18 20.37 -27.59
CA ALA C 163 -7.60 21.32 -28.60
C ALA C 163 -6.41 21.65 -29.48
N LYS C 164 -6.54 22.68 -30.32
CA LYS C 164 -5.41 23.11 -31.15
C LYS C 164 -4.34 23.83 -30.32
N ASP C 165 -4.72 24.40 -29.19
CA ASP C 165 -3.76 25.06 -28.30
C ASP C 165 -3.97 24.74 -26.84
N GLY C 166 -4.99 23.96 -26.50
CA GLY C 166 -5.30 23.67 -25.11
C GLY C 166 -5.36 22.18 -24.83
N VAL C 167 -4.89 21.80 -23.65
CA VAL C 167 -4.94 20.42 -23.17
C VAL C 167 -5.91 20.36 -22.01
N LYS C 168 -6.88 19.46 -22.10
CA LYS C 168 -8.04 19.44 -21.21
C LYS C 168 -8.09 18.11 -20.46
N PHE C 169 -7.61 18.10 -19.23
CA PHE C 169 -7.62 16.91 -18.39
C PHE C 169 -8.95 16.86 -17.65
N SER C 170 -9.94 16.22 -18.28
CA SER C 170 -11.27 16.12 -17.69
C SER C 170 -11.38 14.84 -16.86
N ALA C 171 -12.09 14.92 -15.75
CA ALA C 171 -12.35 13.75 -14.92
C ALA C 171 -13.69 13.92 -14.23
N SER C 172 -14.32 12.80 -13.89
CA SER C 172 -15.63 12.82 -13.27
C SER C 172 -15.77 11.65 -12.31
N GLY C 173 -16.70 11.78 -11.38
CA GLY C 173 -16.92 10.73 -10.42
C GLY C 173 -18.05 11.10 -9.48
N GLU C 174 -18.08 10.45 -8.33
CA GLU C 174 -19.08 10.76 -7.32
C GLU C 174 -18.79 12.06 -6.58
N LEU C 175 -17.55 12.56 -6.63
CA LEU C 175 -17.23 13.82 -5.99
C LEU C 175 -17.71 15.01 -6.81
N GLY C 176 -17.65 14.90 -8.12
CA GLY C 176 -18.04 15.97 -9.01
C GLY C 176 -17.41 15.79 -10.38
N ASN C 177 -17.06 16.91 -11.00
CA ASN C 177 -16.48 16.92 -12.34
C ASN C 177 -15.21 17.78 -12.32
N GLY C 178 -14.07 17.15 -12.56
CA GLY C 178 -12.82 17.87 -12.63
C GLY C 178 -12.47 18.23 -14.05
N ASN C 179 -11.82 19.39 -14.22
CA ASN C 179 -11.48 19.88 -15.56
C ASN C 179 -10.24 20.76 -15.44
N ILE C 180 -9.07 20.18 -15.68
CA ILE C 180 -7.82 20.91 -15.57
C ILE C 180 -7.36 21.27 -16.97
N LYS C 181 -7.44 22.56 -17.30
CA LYS C 181 -7.09 23.05 -18.64
C LYS C 181 -5.67 23.62 -18.63
N LEU C 182 -4.95 23.37 -19.72
CA LEU C 182 -3.56 23.78 -19.83
C LEU C 182 -3.36 24.45 -21.18
N SER C 183 -2.85 25.67 -21.16
CA SER C 183 -2.63 26.41 -22.40
C SER C 183 -1.21 26.14 -22.90
N GLN C 184 -0.80 26.86 -23.93
CA GLN C 184 0.54 26.78 -24.49
C GLN C 184 1.34 27.99 -24.06
N THR C 185 2.62 27.79 -23.74
CA THR C 185 3.47 28.89 -23.29
C THR C 185 3.82 29.82 -24.44
N SER C 186 3.81 31.13 -24.14
CA SER C 186 4.27 32.15 -25.06
C SER C 186 5.21 33.17 -24.42
N ASN C 187 5.21 33.29 -23.09
CA ASN C 187 6.05 34.25 -22.39
C ASN C 187 7.05 33.61 -21.45
N VAL C 188 6.89 32.33 -21.11
CA VAL C 188 7.78 31.71 -20.14
C VAL C 188 9.11 31.32 -20.78
N ASP C 189 9.05 30.40 -21.76
CA ASP C 189 10.17 29.97 -22.61
C ASP C 189 11.34 29.39 -21.81
N LYS C 190 11.03 28.42 -20.95
CA LYS C 190 12.04 27.73 -20.16
C LYS C 190 12.16 26.27 -20.62
N GLU C 191 13.01 25.53 -19.93
CA GLU C 191 13.24 24.12 -20.20
C GLU C 191 12.34 23.22 -19.35
N GLU C 192 12.27 23.49 -18.04
CA GLU C 192 11.38 22.72 -17.18
C GLU C 192 9.92 23.07 -17.42
N GLU C 193 9.60 24.36 -17.43
CA GLU C 193 8.20 24.80 -17.47
C GLU C 193 7.90 25.34 -18.86
N ALA C 194 7.46 24.45 -19.76
CA ALA C 194 7.07 24.84 -21.11
C ALA C 194 6.06 23.81 -21.60
N VAL C 195 4.78 24.18 -21.61
CA VAL C 195 3.73 23.30 -22.10
C VAL C 195 3.64 23.51 -23.61
N THR C 196 4.33 22.66 -24.38
CA THR C 196 4.37 22.76 -25.83
C THR C 196 3.67 21.55 -26.43
N ILE C 197 2.88 21.79 -27.48
CA ILE C 197 2.08 20.76 -28.11
C ILE C 197 2.44 20.70 -29.59
N GLU C 198 2.93 19.56 -30.05
CA GLU C 198 2.99 19.29 -31.48
C GLU C 198 1.58 18.94 -31.94
N MET C 199 1.10 19.61 -32.97
CA MET C 199 -0.32 19.68 -33.24
C MET C 199 -0.63 19.11 -34.61
N ASN C 200 -1.40 18.03 -34.65
CA ASN C 200 -1.84 17.46 -35.93
C ASN C 200 -3.36 17.44 -36.05
N GLU C 201 -4.03 16.82 -35.09
CA GLU C 201 -5.48 16.68 -35.12
C GLU C 201 -5.97 16.52 -33.69
N PRO C 202 -7.16 17.03 -33.35
CA PRO C 202 -7.62 16.98 -31.96
C PRO C 202 -8.00 15.56 -31.54
N VAL C 203 -7.56 15.19 -30.34
CA VAL C 203 -7.79 13.86 -29.79
C VAL C 203 -8.64 13.98 -28.55
N GLN C 204 -9.31 12.87 -28.20
CA GLN C 204 -10.19 12.81 -27.06
C GLN C 204 -10.24 11.35 -26.63
N LEU C 205 -9.46 11.00 -25.61
CA LEU C 205 -9.33 9.62 -25.18
C LEU C 205 -9.53 9.54 -23.67
N THR C 206 -9.94 8.37 -23.20
CA THR C 206 -10.22 8.13 -21.80
C THR C 206 -9.23 7.11 -21.27
N PHE C 207 -8.53 7.46 -20.18
CA PHE C 207 -7.54 6.60 -19.56
C PHE C 207 -7.87 6.38 -18.10
N ALA C 208 -7.44 5.24 -17.57
CA ALA C 208 -7.56 4.99 -16.15
C ALA C 208 -6.52 5.80 -15.39
N LEU C 209 -6.83 6.13 -14.14
CA LEU C 209 -5.98 7.02 -13.36
C LEU C 209 -5.15 6.33 -12.30
N ARG C 210 -5.46 5.07 -11.97
CA ARG C 210 -4.56 4.27 -11.15
C ARG C 210 -3.25 3.99 -11.88
N TYR C 211 -3.35 3.70 -13.18
CA TYR C 211 -2.15 3.47 -13.98
C TYR C 211 -1.39 4.75 -14.26
N LEU C 212 -2.09 5.89 -14.35
CA LEU C 212 -1.39 7.16 -14.49
C LEU C 212 -0.73 7.59 -13.18
N ASN C 213 -1.33 7.24 -12.04
CA ASN C 213 -0.67 7.44 -10.75
C ASN C 213 0.53 6.53 -10.59
N PHE C 214 0.48 5.32 -11.16
CA PHE C 214 1.66 4.46 -11.20
C PHE C 214 2.72 5.01 -12.14
N PHE C 215 2.30 5.70 -13.21
CA PHE C 215 3.23 6.30 -14.16
C PHE C 215 3.96 7.48 -13.55
N THR C 216 3.25 8.27 -12.74
CA THR C 216 3.80 9.47 -12.14
C THR C 216 4.51 9.20 -10.81
N LYS C 217 5.00 7.97 -10.60
CA LYS C 217 6.03 7.72 -9.62
C LYS C 217 7.42 7.91 -10.21
N ALA C 218 7.51 8.13 -11.52
CA ALA C 218 8.75 8.40 -12.21
C ALA C 218 9.04 9.89 -12.35
N THR C 219 8.22 10.74 -11.74
CA THR C 219 8.43 12.18 -11.84
C THR C 219 9.73 12.82 -11.30
N PRO C 220 10.52 12.25 -10.38
CA PRO C 220 11.83 12.87 -10.14
C PRO C 220 12.91 12.52 -11.16
N LEU C 221 12.62 11.69 -12.16
CA LEU C 221 13.63 11.35 -13.16
C LEU C 221 13.91 12.51 -14.11
N SER C 222 12.87 13.28 -14.44
CA SER C 222 13.03 14.36 -15.40
C SER C 222 12.01 15.45 -15.09
N SER C 223 12.01 16.49 -15.92
CA SER C 223 11.02 17.55 -15.90
C SER C 223 10.33 17.63 -17.25
N THR C 224 10.13 16.47 -17.88
CA THR C 224 9.57 16.39 -19.23
C THR C 224 8.67 15.17 -19.31
N VAL C 225 7.38 15.39 -19.47
CA VAL C 225 6.44 14.34 -19.80
C VAL C 225 6.07 14.53 -21.26
N THR C 226 6.48 13.61 -22.11
CA THR C 226 6.19 13.71 -23.54
C THR C 226 4.93 12.87 -23.78
N LEU C 227 3.77 13.50 -23.57
CA LEU C 227 2.50 12.81 -23.78
C LEU C 227 2.20 12.70 -25.26
N SER C 228 2.52 11.57 -25.87
CA SER C 228 2.25 11.33 -27.27
C SER C 228 1.02 10.45 -27.39
N MET C 229 0.01 10.91 -28.12
CA MET C 229 -1.23 10.17 -28.26
C MET C 229 -1.89 10.50 -29.59
N SER C 230 -2.70 9.55 -30.06
CA SER C 230 -3.53 9.75 -31.24
C SER C 230 -4.82 8.97 -31.04
N ALA C 231 -5.67 8.97 -32.06
CA ALA C 231 -6.99 8.36 -31.96
C ALA C 231 -6.88 6.85 -31.98
N ASP C 232 -7.58 6.21 -31.01
CA ASP C 232 -7.57 4.79 -30.60
C ASP C 232 -6.19 4.13 -30.62
N VAL C 233 -5.17 4.86 -30.16
CA VAL C 233 -3.79 4.40 -30.12
C VAL C 233 -3.34 4.67 -28.68
N PRO C 234 -2.59 3.75 -28.04
CA PRO C 234 -2.18 3.95 -26.65
C PRO C 234 -1.23 5.12 -26.42
N LEU C 235 -1.34 5.69 -25.23
CA LEU C 235 -0.62 6.91 -24.87
C LEU C 235 0.80 6.62 -24.46
N VAL C 236 1.75 7.36 -25.04
CA VAL C 236 3.15 7.31 -24.63
C VAL C 236 3.35 8.35 -23.54
N VAL C 237 3.85 7.91 -22.38
CA VAL C 237 4.29 8.82 -21.33
C VAL C 237 5.80 8.66 -21.24
N GLU C 238 6.54 9.62 -21.77
CA GLU C 238 7.99 9.47 -21.97
C GLU C 238 8.75 10.38 -21.02
N TYR C 239 9.27 9.81 -19.95
CA TYR C 239 10.23 10.47 -19.07
C TYR C 239 11.61 10.36 -19.68
N LYS C 240 12.01 11.38 -20.42
CA LYS C 240 13.30 11.39 -21.09
C LYS C 240 14.38 11.77 -20.08
N ILE C 241 15.20 10.79 -19.69
CA ILE C 241 16.41 11.08 -18.95
C ILE C 241 17.39 11.78 -19.88
N ALA C 242 18.07 12.81 -19.35
CA ALA C 242 18.77 13.79 -20.20
C ALA C 242 20.03 13.23 -20.84
N ASP C 243 20.61 12.18 -20.28
CA ASP C 243 21.77 11.54 -20.88
C ASP C 243 21.54 10.07 -21.18
N MET C 244 20.63 9.42 -20.48
CA MET C 244 20.53 7.96 -20.49
C MET C 244 19.14 7.56 -20.99
N GLY C 245 18.93 7.59 -22.30
CA GLY C 245 17.74 7.01 -22.89
C GLY C 245 16.44 7.72 -22.55
N HIS C 246 15.42 6.92 -22.26
CA HIS C 246 14.10 7.41 -21.89
C HIS C 246 13.41 6.33 -21.06
N LEU C 247 12.24 6.67 -20.52
CA LEU C 247 11.40 5.69 -19.82
C LEU C 247 9.99 5.89 -20.38
N LYS C 248 9.64 5.09 -21.39
CA LYS C 248 8.38 5.24 -22.07
C LYS C 248 7.32 4.38 -21.41
N TYR C 249 6.28 5.02 -20.91
CA TYR C 249 5.13 4.33 -20.31
C TYR C 249 4.02 4.30 -21.36
N TYR C 250 3.54 3.11 -21.69
CA TYR C 250 2.45 2.94 -22.63
C TYR C 250 1.17 2.63 -21.87
N LEU C 251 0.05 3.16 -22.37
CA LEU C 251 -1.22 2.98 -21.65
C LEU C 251 -2.34 2.84 -22.66
N ALA C 252 -2.95 1.66 -22.71
CA ALA C 252 -4.09 1.44 -23.57
C ALA C 252 -5.32 2.18 -23.02
N PRO C 253 -6.05 2.91 -23.87
CA PRO C 253 -7.16 3.72 -23.39
C PRO C 253 -8.39 2.89 -23.05
N LYS C 254 -9.33 3.54 -22.37
CA LYS C 254 -10.57 2.87 -21.98
C LYS C 254 -11.51 2.75 -23.18
N GLY D 2 -10.22 -36.01 -14.63
CA GLY D 2 -10.02 -35.85 -16.05
C GLY D 2 -8.90 -36.72 -16.60
N ILE D 3 -7.68 -36.18 -16.61
CA ILE D 3 -6.50 -36.89 -17.08
C ILE D 3 -5.46 -36.88 -15.97
N GLN D 4 -4.99 -38.07 -15.59
CA GLN D 4 -3.92 -38.20 -14.60
C GLN D 4 -2.59 -37.87 -15.26
N GLY D 5 -2.30 -36.57 -15.36
CA GLY D 5 -0.98 -36.12 -15.75
C GLY D 5 -0.84 -35.44 -17.09
N LEU D 6 -1.86 -34.72 -17.56
CA LEU D 6 -1.69 -33.93 -18.76
C LEU D 6 -0.87 -32.66 -18.49
N ALA D 7 -1.13 -32.01 -17.35
CA ALA D 7 -0.46 -30.74 -17.03
C ALA D 7 1.02 -30.94 -16.74
N LYS D 8 1.39 -32.07 -16.14
CA LYS D 8 2.80 -32.42 -15.97
C LYS D 8 3.47 -32.69 -17.31
N LEU D 9 2.73 -33.29 -18.26
CA LEU D 9 3.28 -33.53 -19.59
C LEU D 9 3.47 -32.23 -20.38
N ILE D 10 2.54 -31.30 -20.25
CA ILE D 10 2.67 -30.00 -20.91
C ILE D 10 3.79 -29.17 -20.26
N ALA D 11 3.92 -29.26 -18.94
CA ALA D 11 5.02 -28.57 -18.26
C ALA D 11 6.37 -29.19 -18.56
N ASP D 12 6.42 -30.49 -18.86
CA ASP D 12 7.67 -31.12 -19.23
C ASP D 12 8.00 -30.96 -20.71
N VAL D 13 7.00 -30.76 -21.56
CA VAL D 13 7.21 -30.68 -23.00
C VAL D 13 7.22 -29.24 -23.49
N ALA D 14 6.18 -28.46 -23.17
CA ALA D 14 6.03 -27.10 -23.68
C ALA D 14 5.84 -26.13 -22.53
N PRO D 15 6.94 -25.61 -21.95
CA PRO D 15 6.79 -24.62 -20.87
C PRO D 15 6.29 -23.27 -21.33
N SER D 16 6.43 -22.96 -22.62
CA SER D 16 5.87 -21.72 -23.16
C SER D 16 4.36 -21.81 -23.37
N ALA D 17 3.81 -23.02 -23.40
CA ALA D 17 2.36 -23.17 -23.57
C ALA D 17 1.60 -22.81 -22.30
N ILE D 18 2.18 -23.05 -21.14
CA ILE D 18 1.54 -22.70 -19.87
C ILE D 18 1.90 -21.25 -19.57
N ARG D 19 0.97 -20.35 -19.82
CA ARG D 19 1.15 -18.96 -19.43
C ARG D 19 0.79 -18.79 -17.96
N GLU D 20 1.39 -17.78 -17.33
CA GLU D 20 1.19 -17.53 -15.91
C GLU D 20 0.57 -16.16 -15.72
N ASN D 21 -0.49 -15.88 -16.49
CA ASN D 21 -1.15 -14.59 -16.46
C ASN D 21 -1.87 -14.36 -15.14
N ASP D 22 -1.83 -13.12 -14.67
CA ASP D 22 -2.38 -12.77 -13.38
C ASP D 22 -3.91 -12.64 -13.51
N ILE D 23 -4.60 -12.70 -12.36
CA ILE D 23 -6.05 -12.60 -12.33
C ILE D 23 -6.55 -11.20 -12.70
N LYS D 24 -5.70 -10.18 -12.60
CA LYS D 24 -6.05 -8.82 -12.98
C LYS D 24 -5.97 -8.55 -14.48
N SER D 25 -5.74 -9.57 -15.32
CA SER D 25 -5.46 -9.39 -16.73
C SER D 25 -6.68 -9.50 -17.63
N TYR D 26 -7.87 -9.71 -17.08
CA TYR D 26 -9.05 -10.00 -17.89
C TYR D 26 -10.13 -8.94 -17.63
N PHE D 27 -10.49 -8.21 -18.68
CA PHE D 27 -11.58 -7.24 -18.60
C PHE D 27 -12.69 -7.54 -19.60
N GLY D 28 -12.34 -7.62 -20.87
CA GLY D 28 -13.27 -7.99 -21.90
C GLY D 28 -13.33 -9.46 -22.18
N ARG D 29 -12.58 -10.25 -21.41
CA ARG D 29 -12.51 -11.69 -21.59
C ARG D 29 -13.75 -12.32 -20.99
N LYS D 30 -14.70 -12.72 -21.83
CA LYS D 30 -15.81 -13.54 -21.39
C LYS D 30 -15.28 -14.93 -21.08
N VAL D 31 -15.58 -15.44 -19.88
CA VAL D 31 -14.88 -16.59 -19.32
C VAL D 31 -15.90 -17.69 -19.06
N ALA D 32 -15.66 -18.86 -19.64
CA ALA D 32 -16.50 -20.03 -19.38
C ALA D 32 -16.03 -20.73 -18.12
N ILE D 33 -16.95 -20.93 -17.18
CA ILE D 33 -16.64 -21.56 -15.90
C ILE D 33 -17.38 -22.89 -15.84
N ASP D 34 -16.64 -23.97 -15.66
CA ASP D 34 -17.24 -25.28 -15.39
C ASP D 34 -17.74 -25.18 -13.95
N ALA D 35 -19.07 -25.13 -13.80
CA ALA D 35 -19.65 -24.68 -12.54
C ALA D 35 -19.61 -25.75 -11.46
N SER D 36 -19.92 -27.01 -11.80
CA SER D 36 -20.10 -28.06 -10.79
C SER D 36 -18.78 -28.46 -10.14
N MET D 37 -17.67 -28.28 -10.86
CA MET D 37 -16.34 -28.42 -10.28
C MET D 37 -16.10 -27.37 -9.20
N SER D 38 -16.54 -26.13 -9.44
CA SER D 38 -16.45 -25.09 -8.44
C SER D 38 -17.39 -25.32 -7.26
N ILE D 39 -18.55 -25.94 -7.53
CA ILE D 39 -19.50 -26.27 -6.45
C ILE D 39 -18.93 -27.36 -5.54
N TYR D 40 -18.30 -28.37 -6.13
CA TYR D 40 -17.60 -29.40 -5.34
C TYR D 40 -16.43 -28.82 -4.55
N GLN D 41 -15.61 -27.99 -5.20
CA GLN D 41 -14.45 -27.35 -4.58
C GLN D 41 -14.85 -26.42 -3.43
N PHE D 42 -15.97 -25.73 -3.57
CA PHE D 42 -16.49 -24.83 -2.55
C PHE D 42 -17.29 -25.55 -1.48
N LEU D 43 -17.71 -26.78 -1.74
CA LEU D 43 -18.27 -27.61 -0.69
C LEU D 43 -17.22 -28.41 0.05
N ILE D 44 -15.97 -28.44 -0.44
CA ILE D 44 -14.89 -29.02 0.36
C ILE D 44 -14.50 -28.09 1.51
N ALA D 45 -14.04 -26.88 1.19
CA ALA D 45 -13.26 -26.11 2.13
C ALA D 45 -14.06 -25.29 3.14
N VAL D 46 -15.34 -25.04 2.88
CA VAL D 46 -16.14 -24.26 3.83
C VAL D 46 -16.61 -25.22 4.91
N ARG D 47 -16.01 -25.13 6.09
CA ARG D 47 -16.29 -26.08 7.16
C ARG D 47 -16.00 -25.45 8.52
N GLN D 48 -16.93 -25.63 9.45
CA GLN D 48 -16.73 -25.22 10.84
C GLN D 48 -16.33 -26.44 11.69
N GLY D 49 -15.15 -26.97 11.41
CA GLY D 49 -14.70 -28.18 12.05
C GLY D 49 -15.24 -29.46 11.45
N GLY D 50 -15.98 -29.38 10.34
CA GLY D 50 -16.55 -30.55 9.72
C GLY D 50 -17.97 -30.35 9.23
N ASP D 51 -18.73 -29.54 9.96
CA ASP D 51 -20.10 -29.20 9.55
C ASP D 51 -20.05 -27.88 8.80
N VAL D 52 -20.76 -27.80 7.67
CA VAL D 52 -20.40 -26.78 6.70
C VAL D 52 -21.03 -25.40 6.93
N LEU D 53 -22.33 -25.21 6.67
CA LEU D 53 -23.06 -23.97 6.99
C LEU D 53 -24.50 -24.29 7.34
N GLN D 54 -24.72 -25.27 8.21
CA GLN D 54 -26.05 -25.79 8.51
C GLN D 54 -26.89 -24.77 9.27
N ASN D 55 -27.92 -24.26 8.60
CA ASN D 55 -28.83 -23.26 9.14
C ASN D 55 -29.98 -23.96 9.87
N GLU D 56 -31.06 -23.22 10.15
CA GLU D 56 -32.18 -23.73 10.94
C GLU D 56 -33.04 -24.75 10.21
N GLU D 57 -32.90 -24.89 8.89
CA GLU D 57 -33.74 -25.82 8.14
C GLU D 57 -33.08 -27.18 7.94
N GLY D 58 -31.77 -27.21 7.70
CA GLY D 58 -31.05 -28.47 7.64
C GLY D 58 -30.49 -28.83 6.29
N GLU D 59 -30.32 -27.83 5.41
CA GLU D 59 -29.73 -28.04 4.10
C GLU D 59 -28.56 -27.09 3.93
N THR D 60 -27.50 -27.58 3.27
CA THR D 60 -26.26 -26.82 3.16
C THR D 60 -26.40 -25.64 2.20
N THR D 61 -25.69 -24.56 2.54
CA THR D 61 -25.71 -23.31 1.78
C THR D 61 -24.29 -22.81 1.51
N SER D 62 -23.28 -23.68 1.70
CA SER D 62 -21.88 -23.27 1.60
C SER D 62 -21.49 -22.93 0.16
N HIS D 63 -22.01 -23.71 -0.79
CA HIS D 63 -21.71 -23.47 -2.19
C HIS D 63 -22.40 -22.21 -2.71
N LEU D 64 -23.56 -21.87 -2.14
CA LEU D 64 -24.26 -20.63 -2.47
C LEU D 64 -23.44 -19.39 -2.09
N MET D 65 -22.97 -19.35 -0.84
CA MET D 65 -22.23 -18.20 -0.34
C MET D 65 -20.82 -18.14 -0.93
N GLY D 66 -20.20 -19.30 -1.12
CA GLY D 66 -18.89 -19.33 -1.75
C GLY D 66 -18.91 -18.87 -3.20
N MET D 67 -19.87 -19.39 -3.99
CA MET D 67 -19.99 -19.00 -5.39
C MET D 67 -20.44 -17.55 -5.54
N PHE D 68 -21.22 -17.06 -4.56
CA PHE D 68 -21.56 -15.66 -4.40
C PHE D 68 -20.30 -14.80 -4.29
N TYR D 69 -19.48 -15.01 -3.24
CA TYR D 69 -18.31 -14.16 -3.01
C TYR D 69 -17.23 -14.32 -4.09
N ARG D 70 -17.15 -15.51 -4.71
CA ARG D 70 -16.34 -15.69 -5.92
C ARG D 70 -16.85 -14.82 -7.06
N THR D 71 -18.17 -14.74 -7.27
CA THR D 71 -18.73 -13.99 -8.38
C THR D 71 -18.56 -12.47 -8.21
N ILE D 72 -18.73 -11.96 -6.98
CA ILE D 72 -18.33 -10.58 -6.67
C ILE D 72 -16.82 -10.35 -6.88
N ARG D 73 -15.97 -11.34 -6.58
CA ARG D 73 -14.55 -11.19 -6.91
C ARG D 73 -14.29 -11.21 -8.43
N MET D 74 -15.12 -11.92 -9.20
CA MET D 74 -14.97 -11.92 -10.66
C MET D 74 -15.36 -10.58 -11.28
N MET D 75 -16.51 -10.01 -10.89
CA MET D 75 -16.86 -8.69 -11.44
C MET D 75 -15.97 -7.58 -10.88
N GLU D 76 -15.49 -7.71 -9.64
CA GLU D 76 -14.59 -6.72 -9.08
C GLU D 76 -13.20 -6.77 -9.70
N ASN D 77 -12.82 -7.89 -10.29
CA ASN D 77 -11.58 -7.99 -11.05
C ASN D 77 -11.77 -7.82 -12.54
N GLY D 78 -13.00 -7.59 -12.99
CA GLY D 78 -13.27 -7.37 -14.39
C GLY D 78 -13.48 -8.63 -15.21
N ILE D 79 -13.30 -9.81 -14.63
CA ILE D 79 -13.56 -11.07 -15.32
C ILE D 79 -15.07 -11.21 -15.52
N LYS D 80 -15.46 -11.60 -16.74
CA LYS D 80 -16.87 -11.67 -17.10
C LYS D 80 -17.28 -13.14 -17.22
N PRO D 81 -17.81 -13.76 -16.15
CA PRO D 81 -17.98 -15.21 -16.18
C PRO D 81 -19.32 -15.69 -16.69
N VAL D 82 -19.32 -16.85 -17.34
CA VAL D 82 -20.53 -17.61 -17.62
C VAL D 82 -20.36 -18.98 -16.97
N TYR D 83 -21.38 -19.41 -16.24
CA TYR D 83 -21.30 -20.62 -15.44
C TYR D 83 -22.09 -21.73 -16.14
N VAL D 84 -21.40 -22.79 -16.54
CA VAL D 84 -22.00 -23.87 -17.32
C VAL D 84 -22.03 -25.12 -16.46
N PHE D 85 -23.22 -25.71 -16.31
CA PHE D 85 -23.44 -26.85 -15.43
C PHE D 85 -23.45 -28.15 -16.24
N ASP D 86 -23.16 -29.25 -15.54
CA ASP D 86 -23.10 -30.56 -16.16
C ASP D 86 -24.49 -31.06 -16.55
N GLY D 87 -24.52 -31.96 -17.52
CA GLY D 87 -25.78 -32.50 -18.01
C GLY D 87 -25.94 -33.98 -17.71
N LYS D 88 -26.46 -34.72 -18.68
CA LYS D 88 -26.61 -36.17 -18.53
C LYS D 88 -25.32 -36.85 -18.95
N PRO D 89 -24.60 -37.49 -18.03
CA PRO D 89 -23.29 -38.07 -18.39
C PRO D 89 -23.46 -39.38 -19.15
N PRO D 90 -22.54 -39.69 -20.07
CA PRO D 90 -22.67 -40.91 -20.88
C PRO D 90 -22.28 -42.15 -20.09
N GLN D 91 -22.42 -43.31 -20.75
CA GLN D 91 -22.18 -44.59 -20.08
C GLN D 91 -20.70 -44.84 -19.83
N LEU D 92 -19.83 -44.36 -20.73
CA LEU D 92 -18.39 -44.45 -20.54
C LEU D 92 -17.95 -43.56 -19.37
N LYS D 93 -18.62 -42.44 -19.17
CA LYS D 93 -18.41 -41.67 -17.94
C LYS D 93 -19.04 -42.37 -16.75
N SER D 94 -20.14 -43.10 -16.95
CA SER D 94 -20.85 -43.68 -15.80
C SER D 94 -20.11 -44.88 -15.21
N GLY D 95 -19.22 -45.51 -15.98
CA GLY D 95 -18.26 -46.43 -15.37
C GLY D 95 -17.33 -45.75 -14.38
N GLU D 96 -16.86 -44.54 -14.74
CA GLU D 96 -16.06 -43.75 -13.81
C GLU D 96 -16.86 -43.25 -12.62
N LEU D 97 -18.14 -42.90 -12.83
CA LEU D 97 -19.00 -42.55 -11.70
C LEU D 97 -19.31 -43.74 -10.81
N ALA D 98 -19.34 -44.95 -11.40
CA ALA D 98 -19.48 -46.17 -10.60
C ALA D 98 -18.23 -46.41 -9.75
N LYS D 99 -17.03 -46.16 -10.31
CA LYS D 99 -15.84 -46.37 -9.49
C LYS D 99 -15.66 -45.25 -8.46
N ARG D 100 -16.16 -44.04 -8.74
CA ARG D 100 -16.22 -43.00 -7.71
C ARG D 100 -17.24 -43.33 -6.63
N SER D 101 -18.34 -43.99 -7.00
CA SER D 101 -19.35 -44.38 -6.02
C SER D 101 -18.84 -45.50 -5.12
N GLU D 102 -18.09 -46.46 -5.67
CA GLU D 102 -17.52 -47.48 -4.80
C GLU D 102 -16.32 -46.94 -4.02
N ARG D 103 -15.63 -45.90 -4.53
CA ARG D 103 -14.63 -45.20 -3.73
C ARG D 103 -15.26 -44.46 -2.57
N ARG D 104 -16.43 -43.85 -2.80
CA ARG D 104 -17.17 -43.20 -1.72
C ARG D 104 -17.73 -44.21 -0.72
N ALA D 105 -18.12 -45.39 -1.20
CA ALA D 105 -18.58 -46.45 -0.30
C ALA D 105 -17.43 -47.02 0.52
N GLU D 106 -16.23 -47.13 -0.07
CA GLU D 106 -15.04 -47.53 0.68
C GLU D 106 -14.63 -46.45 1.68
N ALA D 107 -14.86 -45.17 1.33
CA ALA D 107 -14.66 -44.08 2.28
C ALA D 107 -15.66 -44.15 3.43
N GLU D 108 -16.89 -44.60 3.15
CA GLU D 108 -17.87 -44.81 4.21
C GLU D 108 -17.51 -45.99 5.11
N LYS D 109 -16.97 -47.07 4.51
CA LYS D 109 -16.50 -48.20 5.32
C LYS D 109 -15.30 -47.85 6.16
N GLN D 110 -14.42 -46.96 5.67
CA GLN D 110 -13.37 -46.41 6.52
C GLN D 110 -13.93 -45.44 7.55
N LEU D 111 -15.03 -44.75 7.19
CA LEU D 111 -15.67 -43.77 8.07
C LEU D 111 -16.35 -44.44 9.27
N GLN D 112 -16.70 -45.73 9.14
CA GLN D 112 -17.24 -46.50 10.27
C GLN D 112 -16.27 -46.57 11.45
N GLN D 113 -15.03 -47.02 11.23
CA GLN D 113 -14.11 -47.00 12.36
C GLN D 113 -13.44 -45.64 12.55
N ALA D 114 -13.56 -44.72 11.58
CA ALA D 114 -13.13 -43.35 11.83
C ALA D 114 -14.03 -42.64 12.83
N GLN D 115 -15.34 -42.90 12.78
CA GLN D 115 -16.24 -42.34 13.79
C GLN D 115 -16.35 -43.22 15.02
N ALA D 116 -15.96 -44.50 14.91
CA ALA D 116 -15.86 -45.32 16.12
C ALA D 116 -14.61 -44.96 16.92
N ALA D 117 -13.55 -44.51 16.27
CA ALA D 117 -12.37 -44.05 16.98
C ALA D 117 -12.59 -42.67 17.60
N GLY D 118 -13.52 -41.88 17.06
CA GLY D 118 -13.83 -40.58 17.59
C GLY D 118 -12.93 -39.44 17.15
N ALA D 119 -12.11 -39.65 16.12
CA ALA D 119 -11.22 -38.60 15.63
C ALA D 119 -12.01 -37.61 14.79
N GLU D 120 -11.81 -36.32 15.06
CA GLU D 120 -12.54 -35.27 14.34
C GLU D 120 -11.96 -35.04 12.95
N GLN D 121 -10.64 -35.19 12.80
CA GLN D 121 -9.99 -34.94 11.51
C GLN D 121 -10.34 -36.03 10.50
N GLU D 122 -10.47 -37.28 10.96
CA GLU D 122 -10.83 -38.37 10.07
C GLU D 122 -12.29 -38.28 9.62
N VAL D 123 -13.19 -37.87 10.52
CA VAL D 123 -14.60 -37.77 10.13
C VAL D 123 -14.81 -36.53 9.24
N GLU D 124 -14.05 -35.44 9.44
CA GLU D 124 -14.20 -34.32 8.51
C GLU D 124 -13.52 -34.58 7.16
N LYS D 125 -12.44 -35.38 7.14
CA LYS D 125 -11.81 -35.77 5.89
C LYS D 125 -12.70 -36.71 5.08
N PHE D 126 -13.34 -37.67 5.74
CA PHE D 126 -14.22 -38.56 5.01
C PHE D 126 -15.55 -37.89 4.66
N THR D 127 -15.98 -36.90 5.45
CA THR D 127 -17.16 -36.12 5.07
C THR D 127 -16.86 -35.20 3.89
N LYS D 128 -15.61 -34.73 3.80
CA LYS D 128 -15.14 -34.08 2.58
C LYS D 128 -15.13 -35.04 1.39
N ARG D 129 -14.84 -36.32 1.65
CA ARG D 129 -14.96 -37.30 0.57
C ARG D 129 -16.40 -37.72 0.28
N LEU D 130 -17.37 -37.43 1.16
CA LEU D 130 -18.78 -37.72 0.89
C LEU D 130 -19.52 -36.56 0.23
N VAL D 131 -18.82 -35.60 -0.35
CA VAL D 131 -19.47 -34.46 -1.00
C VAL D 131 -20.04 -34.90 -2.34
N LYS D 132 -21.35 -34.70 -2.52
CA LYS D 132 -22.01 -34.96 -3.79
C LYS D 132 -23.15 -33.97 -3.98
N VAL D 133 -23.23 -33.38 -5.16
CA VAL D 133 -24.25 -32.40 -5.49
C VAL D 133 -25.56 -33.13 -5.81
N THR D 134 -26.68 -32.48 -5.55
CA THR D 134 -28.00 -32.99 -5.88
C THR D 134 -28.65 -32.09 -6.93
N LYS D 135 -29.89 -32.42 -7.30
CA LYS D 135 -30.62 -31.61 -8.26
C LYS D 135 -31.06 -30.28 -7.65
N GLN D 136 -31.41 -30.27 -6.37
CA GLN D 136 -31.90 -29.04 -5.73
C GLN D 136 -30.76 -28.06 -5.46
N HIS D 137 -29.54 -28.55 -5.25
CA HIS D 137 -28.38 -27.65 -5.14
C HIS D 137 -28.06 -27.00 -6.47
N ASN D 138 -28.18 -27.77 -7.56
CA ASN D 138 -28.00 -27.26 -8.91
C ASN D 138 -29.06 -26.23 -9.25
N ASP D 139 -30.31 -26.49 -8.85
CA ASP D 139 -31.40 -25.54 -9.11
C ASP D 139 -31.27 -24.29 -8.25
N GLU D 140 -30.72 -24.43 -7.04
CA GLU D 140 -30.41 -23.28 -6.19
C GLU D 140 -29.34 -22.40 -6.81
N CYS D 141 -28.31 -23.03 -7.41
CA CYS D 141 -27.26 -22.25 -8.06
C CYS D 141 -27.75 -21.60 -9.36
N LYS D 142 -28.62 -22.29 -10.10
CA LYS D 142 -29.24 -21.70 -11.30
C LYS D 142 -30.13 -20.51 -10.96
N HIS D 143 -30.88 -20.62 -9.86
CA HIS D 143 -31.71 -19.52 -9.39
C HIS D 143 -30.85 -18.36 -8.87
N LEU D 144 -29.72 -18.68 -8.21
CA LEU D 144 -28.80 -17.66 -7.72
C LEU D 144 -28.14 -16.89 -8.85
N LEU D 145 -27.72 -17.59 -9.91
CA LEU D 145 -27.19 -16.88 -11.08
C LEU D 145 -28.29 -16.20 -11.90
N SER D 146 -29.54 -16.63 -11.75
CA SER D 146 -30.65 -15.86 -12.31
C SER D 146 -30.91 -14.58 -11.54
N LEU D 147 -30.50 -14.50 -10.27
CA LEU D 147 -30.59 -13.23 -9.54
C LEU D 147 -29.62 -12.16 -10.05
N MET D 148 -28.31 -12.44 -10.03
CA MET D 148 -27.37 -11.40 -10.43
C MET D 148 -27.16 -11.28 -11.93
N GLY D 149 -27.86 -12.06 -12.74
CA GLY D 149 -27.79 -11.90 -14.17
C GLY D 149 -26.55 -12.48 -14.82
N ILE D 150 -25.75 -13.24 -14.09
CA ILE D 150 -24.65 -14.01 -14.65
C ILE D 150 -25.30 -15.12 -15.48
N PRO D 151 -24.96 -15.26 -16.76
CA PRO D 151 -25.69 -16.18 -17.64
C PRO D 151 -25.41 -17.65 -17.33
N TYR D 152 -26.43 -18.46 -17.59
CA TYR D 152 -26.44 -19.87 -17.23
C TYR D 152 -26.66 -20.70 -18.49
N LEU D 153 -25.84 -21.74 -18.66
CA LEU D 153 -25.98 -22.67 -19.76
C LEU D 153 -25.94 -24.09 -19.23
N ASP D 154 -26.78 -24.95 -19.80
CA ASP D 154 -26.81 -26.36 -19.47
C ASP D 154 -26.49 -27.16 -20.72
N ALA D 155 -25.39 -27.91 -20.68
CA ALA D 155 -25.09 -28.83 -21.75
C ALA D 155 -25.95 -30.08 -21.61
N PRO D 156 -26.26 -30.77 -22.73
CA PRO D 156 -26.95 -32.06 -22.59
C PRO D 156 -26.06 -33.16 -22.05
N SER D 157 -24.79 -33.22 -22.47
CA SER D 157 -23.89 -34.26 -21.99
C SER D 157 -22.92 -33.76 -20.93
N GLU D 158 -22.06 -32.79 -21.26
CA GLU D 158 -21.00 -32.41 -20.35
C GLU D 158 -20.66 -30.95 -20.53
N ALA D 159 -20.47 -30.26 -19.40
CA ALA D 159 -20.23 -28.82 -19.41
C ALA D 159 -18.87 -28.46 -19.97
N GLU D 160 -17.90 -29.37 -19.84
CA GLU D 160 -16.56 -29.14 -20.36
C GLU D 160 -16.56 -29.11 -21.89
N ALA D 161 -17.40 -29.95 -22.51
CA ALA D 161 -17.56 -29.95 -23.96
C ALA D 161 -18.21 -28.68 -24.47
N SER D 162 -19.23 -28.19 -23.77
CA SER D 162 -19.89 -26.96 -24.17
C SER D 162 -19.05 -25.73 -23.89
N CYS D 163 -18.22 -25.79 -22.84
CA CYS D 163 -17.23 -24.74 -22.58
C CYS D 163 -16.18 -24.68 -23.69
N ALA D 164 -15.71 -25.86 -24.13
CA ALA D 164 -14.72 -25.91 -25.20
C ALA D 164 -15.30 -25.51 -26.55
N ALA D 165 -16.56 -25.84 -26.81
CA ALA D 165 -17.19 -25.36 -28.03
C ALA D 165 -17.58 -23.90 -27.96
N LEU D 166 -17.79 -23.36 -26.75
CA LEU D 166 -18.00 -21.93 -26.59
C LEU D 166 -16.72 -21.14 -26.88
N VAL D 167 -15.58 -21.69 -26.48
CA VAL D 167 -14.30 -21.09 -26.90
C VAL D 167 -14.08 -21.30 -28.41
N LYS D 168 -14.50 -22.47 -28.93
CA LYS D 168 -14.35 -22.77 -30.35
C LYS D 168 -15.24 -21.91 -31.23
N ALA D 169 -16.41 -21.53 -30.74
CA ALA D 169 -17.28 -20.62 -31.50
C ALA D 169 -16.84 -19.16 -31.39
N GLY D 170 -15.93 -18.84 -30.48
CA GLY D 170 -15.49 -17.47 -30.29
C GLY D 170 -16.44 -16.59 -29.50
N LYS D 171 -17.47 -17.18 -28.88
CA LYS D 171 -18.42 -16.39 -28.10
C LYS D 171 -17.79 -15.94 -26.77
N VAL D 172 -17.10 -16.84 -26.09
CA VAL D 172 -16.35 -16.50 -24.89
C VAL D 172 -14.87 -16.52 -25.24
N TYR D 173 -14.06 -15.94 -24.36
CA TYR D 173 -12.62 -15.94 -24.60
C TYR D 173 -12.01 -17.27 -24.21
N ALA D 174 -12.15 -17.68 -22.95
CA ALA D 174 -11.49 -18.86 -22.44
C ALA D 174 -12.44 -19.68 -21.58
N ALA D 175 -12.14 -20.96 -21.48
CA ALA D 175 -12.74 -21.82 -20.47
C ALA D 175 -11.84 -21.83 -19.25
N ALA D 176 -12.44 -21.97 -18.08
CA ALA D 176 -11.68 -21.88 -16.83
C ALA D 176 -12.12 -23.01 -15.91
N THR D 177 -11.27 -24.01 -15.78
CA THR D 177 -11.58 -25.21 -15.01
C THR D 177 -10.27 -25.89 -14.63
N GLU D 178 -10.33 -26.67 -13.55
CA GLU D 178 -9.14 -27.33 -13.04
C GLU D 178 -8.98 -28.75 -13.57
N ASP D 179 -9.84 -29.19 -14.48
CA ASP D 179 -9.59 -30.42 -15.19
C ASP D 179 -9.14 -30.11 -16.62
N MET D 180 -8.45 -31.07 -17.21
CA MET D 180 -7.81 -30.90 -18.50
C MET D 180 -8.67 -31.42 -19.65
N ASP D 181 -9.94 -31.72 -19.39
CA ASP D 181 -10.82 -32.26 -20.41
C ASP D 181 -11.25 -31.24 -21.45
N CYS D 182 -11.15 -29.94 -21.13
CA CYS D 182 -11.54 -28.92 -22.10
C CYS D 182 -10.52 -28.80 -23.24
N LEU D 183 -9.27 -29.16 -22.99
CA LEU D 183 -8.32 -29.28 -24.08
C LEU D 183 -8.59 -30.51 -24.93
N THR D 184 -9.10 -31.58 -24.32
CA THR D 184 -9.52 -32.75 -25.07
C THR D 184 -10.78 -32.47 -25.87
N PHE D 185 -11.72 -31.73 -25.27
CA PHE D 185 -12.97 -31.43 -25.95
C PHE D 185 -12.82 -30.37 -27.03
N GLY D 186 -11.73 -29.59 -27.00
CA GLY D 186 -11.36 -28.81 -28.16
C GLY D 186 -11.05 -27.33 -27.97
N SER D 187 -10.97 -26.86 -26.74
CA SER D 187 -10.76 -25.43 -26.49
C SER D 187 -9.31 -25.04 -26.79
N PRO D 188 -9.09 -24.00 -27.61
CA PRO D 188 -7.71 -23.52 -27.83
C PRO D 188 -7.07 -22.90 -26.60
N VAL D 189 -7.85 -22.44 -25.62
CA VAL D 189 -7.30 -21.81 -24.42
C VAL D 189 -8.09 -22.27 -23.19
N LEU D 190 -7.36 -22.60 -22.12
CA LEU D 190 -7.92 -23.03 -20.85
C LEU D 190 -7.30 -22.17 -19.77
N MET D 191 -8.03 -21.95 -18.68
CA MET D 191 -7.51 -21.20 -17.53
C MET D 191 -7.61 -22.07 -16.28
N ARG D 192 -6.57 -22.86 -16.04
CA ARG D 192 -6.53 -23.70 -14.85
C ARG D 192 -6.19 -22.84 -13.64
N HIS D 193 -6.81 -23.20 -12.50
CA HIS D 193 -6.66 -22.56 -11.19
C HIS D 193 -7.11 -21.09 -11.22
N LEU D 194 -8.27 -20.84 -11.81
CA LEU D 194 -8.95 -19.57 -11.62
C LEU D 194 -9.63 -19.63 -10.26
N THR D 195 -8.91 -19.20 -9.24
CA THR D 195 -9.43 -19.08 -7.89
C THR D 195 -9.50 -17.61 -7.51
N ALA D 196 -10.29 -17.33 -6.47
CA ALA D 196 -10.62 -15.96 -6.11
C ALA D 196 -9.68 -15.34 -5.09
N SER D 197 -8.61 -16.05 -4.71
CA SER D 197 -7.65 -15.55 -3.74
C SER D 197 -6.24 -15.93 -4.18
N GLU D 198 -5.26 -15.41 -3.43
CA GLU D 198 -3.82 -15.69 -3.56
C GLU D 198 -3.29 -15.35 -4.96
N ALA D 199 -3.39 -14.05 -5.29
CA ALA D 199 -3.02 -13.59 -6.63
C ALA D 199 -1.51 -13.55 -6.80
N LYS D 200 -0.78 -13.17 -5.75
CA LYS D 200 0.68 -13.18 -5.82
C LYS D 200 1.22 -14.61 -5.73
N LYS D 201 0.64 -15.43 -4.87
CA LYS D 201 1.16 -16.77 -4.63
C LYS D 201 0.79 -17.74 -5.75
N LEU D 202 -0.43 -17.65 -6.27
CA LEU D 202 -0.93 -18.62 -7.27
C LEU D 202 -1.26 -17.93 -8.57
N PRO D 203 -0.38 -17.98 -9.57
CA PRO D 203 -0.76 -17.52 -10.91
C PRO D 203 -1.71 -18.49 -11.58
N ILE D 204 -2.43 -17.98 -12.57
CA ILE D 204 -3.37 -18.78 -13.34
C ILE D 204 -2.59 -19.53 -14.40
N GLN D 205 -2.67 -20.86 -14.38
CA GLN D 205 -2.03 -21.69 -15.40
C GLN D 205 -2.87 -21.62 -16.66
N GLU D 206 -2.49 -20.74 -17.58
CA GLU D 206 -3.23 -20.55 -18.84
C GLU D 206 -2.65 -21.49 -19.88
N PHE D 207 -3.43 -22.48 -20.28
CA PHE D 207 -3.00 -23.50 -21.23
C PHE D 207 -3.43 -23.10 -22.63
N HIS D 208 -2.48 -22.76 -23.49
CA HIS D 208 -2.76 -22.40 -24.87
C HIS D 208 -2.57 -23.64 -25.74
N LEU D 209 -3.66 -24.13 -26.33
CA LEU D 209 -3.57 -25.35 -27.13
C LEU D 209 -2.94 -25.10 -28.49
N SER D 210 -2.94 -23.84 -28.96
CA SER D 210 -2.20 -23.50 -30.17
C SER D 210 -0.70 -23.66 -29.98
N ARG D 211 -0.20 -23.27 -28.79
CA ARG D 211 1.21 -23.50 -28.46
C ARG D 211 1.51 -24.97 -28.24
N ILE D 212 0.54 -25.73 -27.71
CA ILE D 212 0.70 -27.18 -27.53
C ILE D 212 0.80 -27.89 -28.87
N LEU D 213 -0.07 -27.52 -29.83
CA LEU D 213 -0.03 -28.14 -31.15
C LEU D 213 1.16 -27.65 -31.97
N GLN D 214 1.65 -26.43 -31.73
CA GLN D 214 2.83 -25.97 -32.42
C GLN D 214 4.13 -26.46 -31.79
N GLU D 215 4.09 -26.93 -30.54
CA GLU D 215 5.28 -27.50 -29.93
C GLU D 215 5.35 -29.01 -30.12
N LEU D 216 4.22 -29.71 -30.05
CA LEU D 216 4.21 -31.15 -30.27
C LEU D 216 4.26 -31.53 -31.74
N GLY D 217 3.97 -30.59 -32.64
CA GLY D 217 3.82 -30.92 -34.05
C GLY D 217 2.59 -31.76 -34.32
N LEU D 218 1.47 -31.46 -33.67
CA LEU D 218 0.28 -32.29 -33.72
C LEU D 218 -0.89 -31.49 -34.27
N ASN D 219 -1.87 -32.21 -34.81
CA ASN D 219 -3.18 -31.62 -35.06
C ASN D 219 -4.05 -31.86 -33.81
N GLN D 220 -5.35 -31.58 -33.93
CA GLN D 220 -6.23 -31.74 -32.76
C GLN D 220 -6.52 -33.21 -32.49
N GLU D 221 -6.68 -34.01 -33.55
CA GLU D 221 -7.13 -35.40 -33.39
C GLU D 221 -6.02 -36.29 -32.83
N GLN D 222 -4.76 -36.02 -33.19
CA GLN D 222 -3.65 -36.74 -32.56
C GLN D 222 -3.48 -36.35 -31.11
N PHE D 223 -3.83 -35.11 -30.75
CA PHE D 223 -3.87 -34.72 -29.35
C PHE D 223 -5.02 -35.41 -28.61
N VAL D 224 -6.13 -35.69 -29.31
CA VAL D 224 -7.21 -36.49 -28.73
C VAL D 224 -6.76 -37.92 -28.48
N ASP D 225 -6.03 -38.53 -29.43
CA ASP D 225 -5.53 -39.89 -29.21
C ASP D 225 -4.44 -39.94 -28.13
N LEU D 226 -3.65 -38.86 -28.01
CA LEU D 226 -2.70 -38.74 -26.91
C LEU D 226 -3.41 -38.61 -25.57
N CYS D 227 -4.51 -37.85 -25.53
CA CYS D 227 -5.27 -37.70 -24.29
C CYS D 227 -6.06 -38.96 -23.95
N ILE D 228 -6.37 -39.77 -24.96
CA ILE D 228 -6.90 -41.12 -24.73
C ILE D 228 -5.83 -41.99 -24.09
N LEU D 229 -4.59 -41.90 -24.61
CA LEU D 229 -3.50 -42.75 -24.12
C LEU D 229 -3.01 -42.33 -22.73
N LEU D 230 -3.20 -41.07 -22.34
CA LEU D 230 -2.93 -40.62 -20.98
C LEU D 230 -4.05 -40.91 -19.98
N GLY D 231 -4.95 -41.84 -20.25
CA GLY D 231 -5.90 -42.27 -19.23
C GLY D 231 -7.03 -41.32 -18.95
N SER D 232 -7.93 -41.16 -19.92
CA SER D 232 -9.12 -40.35 -19.72
C SER D 232 -10.17 -41.13 -18.92
N ASP D 233 -11.29 -40.47 -18.64
CA ASP D 233 -12.36 -41.09 -17.85
C ASP D 233 -13.16 -42.11 -18.64
N TYR D 234 -13.00 -42.17 -19.97
CA TYR D 234 -13.74 -43.10 -20.81
C TYR D 234 -12.89 -44.27 -21.31
N CYS D 235 -11.58 -44.10 -21.41
CA CYS D 235 -10.68 -45.15 -21.86
C CYS D 235 -9.43 -45.18 -21.00
N GLU D 236 -8.97 -46.39 -20.70
CA GLU D 236 -7.83 -46.59 -19.83
C GLU D 236 -6.53 -46.48 -20.63
N SER D 237 -5.41 -46.58 -19.92
CA SER D 237 -4.12 -46.74 -20.56
C SER D 237 -3.95 -48.18 -21.02
N ILE D 238 -2.91 -48.43 -21.81
CA ILE D 238 -2.76 -49.74 -22.44
C ILE D 238 -2.21 -50.73 -21.41
N ARG D 239 -0.94 -50.55 -21.03
CA ARG D 239 -0.34 -51.27 -19.89
C ARG D 239 0.90 -50.46 -19.49
N GLY D 240 0.77 -49.67 -18.43
CA GLY D 240 1.90 -48.91 -17.93
C GLY D 240 2.37 -47.78 -18.82
N ILE D 241 1.52 -47.29 -19.73
CA ILE D 241 1.88 -46.21 -20.63
C ILE D 241 1.39 -44.90 -20.03
N GLY D 242 2.33 -44.03 -19.69
CA GLY D 242 2.01 -42.73 -19.13
C GLY D 242 2.31 -41.62 -20.10
N PRO D 243 3.06 -40.60 -19.65
CA PRO D 243 3.40 -39.49 -20.55
C PRO D 243 4.35 -39.79 -21.69
N LYS D 244 5.54 -40.34 -21.38
CA LYS D 244 6.63 -40.37 -22.35
C LYS D 244 6.40 -41.46 -23.40
N ARG D 245 5.87 -42.62 -23.00
CA ARG D 245 5.58 -43.67 -23.95
C ARG D 245 4.43 -43.31 -24.87
N ALA D 246 3.42 -42.57 -24.39
CA ALA D 246 2.35 -42.12 -25.27
C ALA D 246 2.84 -41.02 -26.21
N VAL D 247 3.78 -40.18 -25.75
CA VAL D 247 4.42 -39.20 -26.63
C VAL D 247 5.23 -39.90 -27.72
N ASP D 248 5.93 -40.99 -27.37
CA ASP D 248 6.67 -41.80 -28.33
C ASP D 248 5.76 -42.51 -29.32
N LEU D 249 4.59 -42.99 -28.89
CA LEU D 249 3.64 -43.61 -29.81
C LEU D 249 2.93 -42.61 -30.71
N ILE D 250 2.60 -41.42 -30.21
CA ILE D 250 1.98 -40.40 -31.06
C ILE D 250 2.98 -39.84 -32.07
N GLN D 251 4.24 -39.64 -31.65
CA GLN D 251 5.25 -39.07 -32.54
C GLN D 251 5.73 -40.03 -33.62
N LYS D 252 5.39 -41.32 -33.54
CA LYS D 252 5.74 -42.30 -34.57
C LYS D 252 4.54 -42.73 -35.41
N HIS D 253 3.41 -43.02 -34.77
CA HIS D 253 2.28 -43.64 -35.45
C HIS D 253 1.21 -42.66 -35.89
N LYS D 254 0.96 -41.62 -35.08
CA LYS D 254 0.04 -40.50 -35.33
C LYS D 254 -1.41 -40.93 -35.51
N SER D 255 -1.80 -42.09 -34.96
CA SER D 255 -3.17 -42.59 -35.00
C SER D 255 -3.29 -43.65 -33.92
N ILE D 256 -4.46 -43.70 -33.27
CA ILE D 256 -4.67 -44.70 -32.22
C ILE D 256 -4.91 -46.07 -32.84
N GLU D 257 -5.38 -46.13 -34.09
CA GLU D 257 -5.53 -47.39 -34.80
C GLU D 257 -4.17 -47.97 -35.18
N GLU D 258 -3.24 -47.11 -35.61
CA GLU D 258 -1.88 -47.56 -35.90
C GLU D 258 -1.14 -47.93 -34.61
N ILE D 259 -1.49 -47.29 -33.49
CA ILE D 259 -0.92 -47.65 -32.21
C ILE D 259 -1.41 -49.03 -31.76
N VAL D 260 -2.71 -49.32 -31.92
CA VAL D 260 -3.22 -50.60 -31.44
C VAL D 260 -2.87 -51.74 -32.41
N ARG D 261 -2.60 -51.45 -33.69
CA ARG D 261 -2.11 -52.52 -34.55
C ARG D 261 -0.60 -52.75 -34.43
N ARG D 262 0.23 -51.70 -34.56
CA ARG D 262 1.68 -51.91 -34.56
C ARG D 262 2.31 -51.85 -33.17
N LEU D 263 1.59 -52.22 -32.11
CA LEU D 263 2.23 -52.57 -30.85
C LEU D 263 2.25 -54.09 -30.66
N ASP D 264 3.09 -54.52 -29.74
CA ASP D 264 3.25 -55.94 -29.49
C ASP D 264 2.05 -56.49 -28.73
N PRO D 265 1.63 -57.72 -29.01
CA PRO D 265 0.54 -58.33 -28.22
C PRO D 265 0.98 -58.78 -26.83
N ASN D 266 2.29 -58.96 -26.60
CA ASN D 266 2.80 -59.34 -25.29
C ASN D 266 3.41 -58.18 -24.53
N LYS D 267 4.14 -57.30 -25.22
CA LYS D 267 4.68 -56.09 -24.61
C LYS D 267 3.65 -54.98 -24.73
N TYR D 268 3.17 -54.49 -23.57
CA TYR D 268 2.04 -53.58 -23.38
C TYR D 268 0.79 -54.10 -24.09
N PRO D 269 0.13 -55.14 -23.57
CA PRO D 269 -1.06 -55.68 -24.26
C PRO D 269 -2.27 -54.77 -24.09
N VAL D 270 -3.12 -54.82 -25.11
CA VAL D 270 -4.35 -54.01 -25.16
C VAL D 270 -5.35 -54.57 -24.16
N PRO D 271 -5.99 -53.73 -23.33
CA PRO D 271 -7.01 -54.24 -22.41
C PRO D 271 -8.27 -54.69 -23.14
N GLU D 272 -8.98 -55.64 -22.53
CA GLU D 272 -10.18 -56.19 -23.12
C GLU D 272 -11.34 -55.21 -23.01
N ASN D 273 -12.19 -55.21 -24.05
CA ASN D 273 -13.39 -54.37 -24.20
C ASN D 273 -13.03 -52.88 -24.13
N TRP D 274 -12.21 -52.45 -25.08
CA TRP D 274 -11.67 -51.10 -25.11
C TRP D 274 -12.29 -50.33 -26.26
N LEU D 275 -12.73 -49.10 -25.99
CA LEU D 275 -13.68 -48.37 -26.83
C LEU D 275 -13.12 -47.00 -27.22
N HIS D 276 -11.90 -47.02 -27.79
CA HIS D 276 -11.19 -45.77 -28.12
C HIS D 276 -11.87 -44.99 -29.24
N LYS D 277 -12.58 -45.66 -30.15
CA LYS D 277 -13.31 -44.97 -31.21
C LYS D 277 -14.49 -44.18 -30.65
N GLU D 278 -15.17 -44.74 -29.65
CA GLU D 278 -16.32 -44.07 -29.04
C GLU D 278 -15.89 -42.86 -28.22
N ALA D 279 -14.77 -42.97 -27.50
CA ALA D 279 -14.25 -41.81 -26.75
C ALA D 279 -13.67 -40.76 -27.69
N HIS D 280 -13.08 -41.19 -28.81
CA HIS D 280 -12.59 -40.23 -29.81
C HIS D 280 -13.73 -39.48 -30.48
N GLN D 281 -14.83 -40.17 -30.77
CA GLN D 281 -16.01 -39.51 -31.32
C GLN D 281 -16.72 -38.65 -30.28
N LEU D 282 -16.62 -39.03 -28.99
CA LEU D 282 -17.17 -38.19 -27.92
C LEU D 282 -16.36 -36.92 -27.73
N PHE D 283 -15.04 -36.99 -27.90
CA PHE D 283 -14.20 -35.80 -27.78
C PHE D 283 -14.35 -34.89 -28.99
N LEU D 284 -14.39 -35.46 -30.21
CA LEU D 284 -14.50 -34.62 -31.40
C LEU D 284 -15.91 -34.09 -31.58
N GLU D 285 -16.92 -34.95 -31.45
CA GLU D 285 -18.31 -34.56 -31.68
C GLU D 285 -19.16 -34.91 -30.46
N PRO D 286 -19.19 -34.06 -29.44
CA PRO D 286 -20.08 -34.29 -28.29
C PRO D 286 -21.46 -33.70 -28.54
N GLU D 287 -22.39 -34.08 -27.67
CA GLU D 287 -23.72 -33.47 -27.70
C GLU D 287 -23.60 -32.12 -27.00
N VAL D 288 -23.52 -31.06 -27.80
CA VAL D 288 -23.29 -29.70 -27.32
C VAL D 288 -24.48 -28.86 -27.77
N LEU D 289 -25.03 -28.06 -26.85
CA LEU D 289 -26.08 -27.11 -27.21
C LEU D 289 -25.52 -26.00 -28.08
N ASP D 290 -26.41 -25.35 -28.82
CA ASP D 290 -26.03 -24.32 -29.77
C ASP D 290 -25.60 -23.05 -29.05
N PRO D 291 -24.38 -22.54 -29.29
CA PRO D 291 -23.94 -21.30 -28.62
C PRO D 291 -24.65 -20.06 -29.11
N GLU D 292 -25.16 -20.05 -30.34
CA GLU D 292 -25.89 -18.91 -30.87
C GLU D 292 -27.36 -18.92 -30.45
N SER D 293 -27.83 -20.01 -29.84
CA SER D 293 -29.23 -20.11 -29.44
C SER D 293 -29.52 -19.29 -28.18
N VAL D 294 -28.55 -19.20 -27.27
CA VAL D 294 -28.69 -18.41 -26.05
C VAL D 294 -27.61 -17.33 -26.05
N GLU D 295 -28.00 -16.12 -25.68
CA GLU D 295 -27.08 -14.99 -25.65
C GLU D 295 -26.36 -14.91 -24.32
N LEU D 296 -25.25 -14.18 -24.32
CA LEU D 296 -24.44 -13.99 -23.12
C LEU D 296 -24.64 -12.54 -22.67
N LYS D 297 -25.65 -12.32 -21.83
CA LYS D 297 -25.99 -10.99 -21.35
C LYS D 297 -25.45 -10.79 -19.94
N TRP D 298 -25.33 -9.52 -19.56
CA TRP D 298 -24.89 -9.16 -18.22
C TRP D 298 -25.66 -7.89 -17.83
N SER D 299 -26.64 -8.05 -16.94
CA SER D 299 -27.49 -6.95 -16.54
C SER D 299 -27.28 -6.62 -15.07
N GLU D 300 -27.68 -5.42 -14.70
CA GLU D 300 -27.59 -4.99 -13.31
C GLU D 300 -28.70 -5.63 -12.49
N PRO D 301 -28.38 -6.30 -11.40
CA PRO D 301 -29.42 -6.97 -10.60
C PRO D 301 -30.21 -6.00 -9.74
N ASN D 302 -31.39 -6.44 -9.35
CA ASN D 302 -32.20 -5.72 -8.38
C ASN D 302 -31.94 -6.22 -6.95
N GLU D 303 -31.69 -5.26 -6.06
CA GLU D 303 -31.16 -5.56 -4.72
C GLU D 303 -32.19 -6.18 -3.80
N GLU D 304 -33.49 -5.90 -4.02
CA GLU D 304 -34.53 -6.36 -3.10
C GLU D 304 -34.73 -7.87 -3.16
N GLU D 305 -34.69 -8.44 -4.38
CA GLU D 305 -34.79 -9.89 -4.53
C GLU D 305 -33.54 -10.60 -4.02
N LEU D 306 -32.37 -9.95 -4.16
CA LEU D 306 -31.13 -10.49 -3.62
C LEU D 306 -31.16 -10.55 -2.08
N ILE D 307 -31.65 -9.49 -1.45
CA ILE D 307 -31.78 -9.47 0.01
C ILE D 307 -32.84 -10.47 0.46
N LYS D 308 -33.96 -10.54 -0.27
CA LYS D 308 -35.06 -11.46 0.04
C LYS D 308 -34.67 -12.93 -0.14
N PHE D 309 -33.72 -13.23 -1.02
CA PHE D 309 -33.29 -14.61 -1.15
C PHE D 309 -32.24 -14.94 -0.09
N MET D 310 -31.08 -14.24 -0.12
CA MET D 310 -29.98 -14.64 0.74
C MET D 310 -30.09 -14.18 2.19
N CYS D 311 -31.14 -13.45 2.57
CA CYS D 311 -31.41 -13.21 3.97
C CYS D 311 -32.77 -13.75 4.39
N GLY D 312 -33.59 -14.16 3.44
CA GLY D 312 -34.89 -14.72 3.73
C GLY D 312 -34.88 -16.23 3.86
N GLU D 313 -34.34 -16.94 2.87
CA GLU D 313 -34.47 -18.39 2.86
C GLU D 313 -33.20 -19.11 3.30
N LYS D 314 -32.19 -18.37 3.77
CA LYS D 314 -31.05 -18.99 4.42
C LYS D 314 -30.55 -18.26 5.66
N GLN D 315 -31.03 -17.03 5.92
CA GLN D 315 -30.87 -16.27 7.17
C GLN D 315 -29.40 -15.97 7.49
N PHE D 316 -28.73 -15.34 6.53
CA PHE D 316 -27.33 -14.96 6.66
C PHE D 316 -27.23 -13.45 6.89
N SER D 317 -26.00 -12.93 6.77
CA SER D 317 -25.69 -11.55 7.08
C SER D 317 -26.28 -10.59 6.05
N GLU D 318 -26.18 -9.30 6.36
CA GLU D 318 -26.80 -8.25 5.55
C GLU D 318 -25.78 -7.26 5.01
N GLU D 319 -24.83 -6.81 5.84
CA GLU D 319 -23.91 -5.74 5.45
C GLU D 319 -22.88 -6.23 4.45
N ARG D 320 -22.38 -7.46 4.62
CA ARG D 320 -21.39 -8.02 3.69
C ARG D 320 -22.00 -8.30 2.32
N ILE D 321 -23.23 -8.82 2.30
CA ILE D 321 -23.95 -9.09 1.05
C ILE D 321 -24.30 -7.78 0.35
N ARG D 322 -24.75 -6.78 1.11
CA ARG D 322 -25.10 -5.48 0.55
C ARG D 322 -23.88 -4.75 0.00
N SER D 323 -22.75 -4.82 0.70
CA SER D 323 -21.51 -4.22 0.21
C SER D 323 -20.95 -4.97 -1.00
N GLY D 324 -21.12 -6.29 -1.04
CA GLY D 324 -20.69 -7.05 -2.21
C GLY D 324 -21.52 -6.76 -3.45
N VAL D 325 -22.84 -6.61 -3.28
CA VAL D 325 -23.71 -6.21 -4.40
C VAL D 325 -23.42 -4.78 -4.84
N LYS D 326 -23.11 -3.89 -3.88
CA LYS D 326 -22.76 -2.51 -4.21
C LYS D 326 -21.45 -2.40 -4.97
N ARG D 327 -20.44 -3.17 -4.57
CA ARG D 327 -19.18 -3.14 -5.33
C ARG D 327 -19.26 -3.93 -6.63
N LEU D 328 -20.17 -4.92 -6.71
CA LEU D 328 -20.49 -5.56 -8.00
C LEU D 328 -21.11 -4.56 -8.96
N SER D 329 -22.04 -3.73 -8.46
CA SER D 329 -22.73 -2.76 -9.29
C SER D 329 -21.79 -1.64 -9.73
N LYS D 330 -20.90 -1.20 -8.83
CA LYS D 330 -19.94 -0.16 -9.17
C LYS D 330 -18.87 -0.69 -10.12
N SER D 331 -18.48 -1.96 -9.99
CA SER D 331 -17.53 -2.54 -10.93
C SER D 331 -18.17 -2.82 -12.28
N ARG D 332 -19.47 -3.09 -12.31
CA ARG D 332 -20.13 -3.36 -13.59
C ARG D 332 -20.48 -2.07 -14.34
N GLN D 333 -20.79 -0.98 -13.62
CA GLN D 333 -21.25 0.24 -14.30
C GLN D 333 -20.12 1.01 -14.96
N GLY D 334 -18.86 0.71 -14.64
CA GLY D 334 -17.76 1.41 -15.25
C GLY D 334 -17.54 1.02 -16.69
N SER D 335 -16.85 1.88 -17.42
CA SER D 335 -16.56 1.63 -18.83
C SER D 335 -15.49 0.56 -18.97
N THR D 336 -15.44 -0.03 -20.16
CA THR D 336 -14.48 -1.10 -20.42
C THR D 336 -13.08 -0.52 -20.58
N GLN D 337 -12.09 -1.36 -20.26
CA GLN D 337 -10.69 -0.99 -20.35
C GLN D 337 -10.05 -1.75 -21.49
N GLY D 338 -9.40 -1.02 -22.40
CA GLY D 338 -8.72 -1.67 -23.51
C GLY D 338 -7.47 -2.38 -23.04
N ARG D 339 -7.23 -3.54 -23.63
CA ARG D 339 -6.02 -4.30 -23.35
C ARG D 339 -4.93 -3.89 -24.32
N LEU D 340 -3.68 -3.89 -23.83
CA LEU D 340 -2.58 -3.35 -24.64
C LEU D 340 -2.13 -4.32 -25.72
N ASP D 341 -2.33 -5.63 -25.53
CA ASP D 341 -1.97 -6.58 -26.58
C ASP D 341 -2.96 -6.59 -27.74
N ASP D 342 -4.11 -5.94 -27.59
CA ASP D 342 -4.97 -5.67 -28.74
C ASP D 342 -4.31 -4.68 -29.70
N PHE D 343 -3.62 -3.67 -29.17
CA PHE D 343 -3.02 -2.63 -30.01
C PHE D 343 -1.63 -3.03 -30.49
N PHE D 344 -0.86 -3.71 -29.66
CA PHE D 344 0.51 -4.10 -29.98
C PHE D 344 0.59 -5.61 -30.09
N LYS D 345 1.19 -6.10 -31.17
CA LYS D 345 1.34 -7.54 -31.36
C LYS D 345 2.61 -8.03 -30.70
N VAL D 346 2.62 -9.32 -30.35
CA VAL D 346 3.76 -9.94 -29.68
C VAL D 346 4.84 -10.23 -30.71
N THR D 347 6.05 -9.75 -30.45
CA THR D 347 7.20 -10.09 -31.28
C THR D 347 7.98 -11.26 -30.72
N GLY D 348 7.58 -11.80 -29.59
CA GLY D 348 8.25 -12.90 -28.95
C GLY D 348 8.36 -12.66 -27.46
N SER D 349 9.24 -13.42 -26.82
CA SER D 349 9.47 -13.30 -25.39
C SER D 349 10.91 -13.69 -25.10
N LEU D 350 11.58 -12.88 -24.28
CA LEU D 350 12.96 -13.19 -23.90
C LEU D 350 13.02 -14.36 -22.92
N SER D 351 12.13 -14.33 -21.90
CA SER D 351 11.98 -15.35 -20.86
C SER D 351 13.27 -15.58 -20.06
N SER D 352 14.00 -14.48 -19.82
CA SER D 352 15.27 -14.41 -19.06
C SER D 352 16.35 -15.36 -19.56
#